data_8GB4
#
_entry.id   8GB4
#
_cell.length_a   169.450
_cell.length_b   73.450
_cell.length_c   118.419
_cell.angle_alpha   90.00
_cell.angle_beta   118.45
_cell.angle_gamma   90.00
#
_symmetry.space_group_name_H-M   'C 1 2 1'
#
loop_
_entity.id
_entity.type
_entity.pdbx_description
1 polymer 'Epidermal growth factor receptor'
2 non-polymer 'MAGNESIUM ION'
3 non-polymer 'PHOSPHOAMINOPHOSPHONIC ACID-ADENYLATE ESTER'
4 non-polymer 2-[(R)-(1H-benzimidazol-2-yl)(3-fluorophenyl)methyl]-6-[4-(1-methylpiperidin-4-yl)phenyl]-2,3-dihydro-1H-isoindol-1-one
5 water water
#
_entity_poly.entity_id   1
_entity_poly.type   'polypeptide(L)'
_entity_poly.pdbx_seq_one_letter_code
;GSTSGEAPNQALLRILKETEFKKIKVLGSGAFGTVYKGLWIPEGEKVKIPVAIKELREATSPKANKEILDEAYVMASVDN
PHVCRLLGICLTSTVQLIMQLMPFGCLLDYVREHKDNIGSQYLLNWCVQIAKGMNYLEDRRLVHRDLAARNVLVKTPQHV
KITDFGLAKLLGAEEKEYHAEGGKVPIKWMALESILHRIYTHQSDVWSYGVTVWELMTFGSKPYDGIPASEISSILEKGE
RLPQPPICTIDVYMIMRKCWMIDADSRPKFRELIIEFSKMARDPQRYLVIQGDERMHLPSPTDSNFYRALMDEEDMDDVV
DADEYLIPQQG
;
_entity_poly.pdbx_strand_id   A,B,C,D
#
loop_
_chem_comp.id
_chem_comp.type
_chem_comp.name
_chem_comp.formula
ANP non-polymer 'PHOSPHOAMINOPHOSPHONIC ACID-ADENYLATE ESTER' 'C10 H17 N6 O12 P3'
MG non-polymer 'MAGNESIUM ION' 'Mg 2'
YW5 non-polymer 2-[(R)-(1H-benzimidazol-2-yl)(3-fluorophenyl)methyl]-6-[4-(1-methylpiperidin-4-yl)phenyl]-2,3-dihydro-1H-isoindol-1-one 'C34 H31 F N4 O'
#
# COMPACT_ATOMS: atom_id res chain seq x y z
N ASN A 9 33.40 36.16 29.26
CA ASN A 9 34.60 36.33 28.45
C ASN A 9 34.24 36.53 26.98
N GLN A 10 34.37 37.77 26.50
CA GLN A 10 34.04 38.07 25.11
C GLN A 10 34.97 37.36 24.14
N ALA A 11 36.19 37.03 24.56
CA ALA A 11 37.17 36.39 23.68
C ALA A 11 36.79 34.97 23.29
N LEU A 12 35.73 34.41 23.87
CA LEU A 12 35.31 33.05 23.54
C LEU A 12 34.35 32.99 22.37
N LEU A 13 33.78 34.13 21.94
CA LEU A 13 32.88 34.20 20.80
C LEU A 13 33.53 35.08 19.74
N ARG A 14 33.88 34.47 18.60
CA ARG A 14 34.50 35.21 17.51
C ARG A 14 33.42 35.83 16.62
N ILE A 15 33.55 37.13 16.37
CA ILE A 15 32.67 37.83 15.44
C ILE A 15 33.27 37.71 14.04
N LEU A 16 32.55 37.04 13.15
CA LEU A 16 33.06 36.72 11.82
C LEU A 16 32.52 37.69 10.78
N LYS A 17 33.31 37.89 9.73
CA LYS A 17 32.86 38.62 8.55
C LYS A 17 32.21 37.65 7.57
N GLU A 18 31.23 38.15 6.82
CA GLU A 18 30.61 37.34 5.77
C GLU A 18 31.64 36.82 4.78
N THR A 19 32.69 37.60 4.53
CA THR A 19 33.66 37.30 3.47
C THR A 19 34.66 36.21 3.83
N GLU A 20 34.72 35.77 5.09
CA GLU A 20 35.73 34.82 5.53
C GLU A 20 35.19 33.41 5.71
N PHE A 21 33.94 33.16 5.33
CA PHE A 21 33.40 31.81 5.37
C PHE A 21 32.38 31.64 4.26
N LYS A 22 32.15 30.38 3.87
CA LYS A 22 31.25 30.04 2.79
C LYS A 22 30.45 28.80 3.14
N LYS A 23 29.13 28.87 2.92
CA LYS A 23 28.30 27.68 3.03
C LYS A 23 28.52 26.78 1.82
N ILE A 24 28.63 25.47 2.07
CA ILE A 24 29.01 24.51 1.06
C ILE A 24 27.91 23.50 0.78
N LYS A 25 27.27 22.98 1.82
CA LYS A 25 26.26 21.92 1.65
C LYS A 25 25.30 21.97 2.82
N VAL A 26 23.99 21.91 2.52
CA VAL A 26 23.01 21.93 3.59
C VAL A 26 23.05 20.59 4.33
N LEU A 27 22.82 20.64 5.63
CA LEU A 27 22.80 19.46 6.47
C LEU A 27 21.44 19.16 7.08
N GLY A 28 20.65 20.20 7.33
CA GLY A 28 19.33 20.02 7.89
C GLY A 28 18.81 21.32 8.46
N SER A 29 17.60 21.23 9.01
CA SER A 29 16.94 22.35 9.65
C SER A 29 16.24 21.82 10.89
N GLY A 30 15.86 22.73 11.78
CA GLY A 30 15.17 22.30 12.97
C GLY A 30 14.06 23.20 13.44
N ALA A 31 14.40 24.34 14.04
CA ALA A 31 13.38 25.23 14.56
C ALA A 31 13.87 26.67 14.61
N PHE A 32 15.17 26.85 14.79
CA PHE A 32 15.76 28.18 14.82
C PHE A 32 16.42 28.58 13.51
N GLY A 33 16.75 27.62 12.65
CA GLY A 33 17.37 27.94 11.38
C GLY A 33 17.85 26.69 10.68
N THR A 34 18.67 26.90 9.65
CA THR A 34 19.17 25.84 8.80
C THR A 34 20.67 25.63 9.03
N VAL A 35 21.07 24.37 9.13
CA VAL A 35 22.46 24.00 9.41
C VAL A 35 23.14 23.62 8.10
N TYR A 36 24.32 24.19 7.86
CA TYR A 36 25.10 23.93 6.67
C TYR A 36 26.47 23.38 7.05
N LYS A 37 27.04 22.57 6.17
CA LYS A 37 28.46 22.31 6.22
C LYS A 37 29.16 23.46 5.50
N GLY A 38 30.12 24.10 6.17
CA GLY A 38 30.77 25.28 5.64
C GLY A 38 32.27 25.17 5.69
N LEU A 39 32.91 26.22 5.18
CA LEU A 39 34.36 26.34 5.15
C LEU A 39 34.76 27.71 5.67
N TRP A 40 35.69 27.73 6.61
CA TRP A 40 36.30 28.96 7.09
C TRP A 40 37.64 29.12 6.38
N ILE A 41 37.79 30.23 5.67
CA ILE A 41 39.03 30.51 4.96
C ILE A 41 39.78 31.56 5.78
N PRO A 42 40.76 31.18 6.60
CA PRO A 42 41.50 32.20 7.35
C PRO A 42 42.11 33.19 6.38
N GLU A 43 41.96 34.47 6.68
CA GLU A 43 42.43 35.50 5.76
C GLU A 43 43.95 35.52 5.71
N GLY A 44 44.47 35.68 4.49
CA GLY A 44 45.89 35.63 4.23
C GLY A 44 46.45 34.23 4.11
N GLU A 45 45.60 33.21 4.21
CA GLU A 45 46.00 31.82 4.15
C GLU A 45 45.35 31.14 2.95
N LYS A 46 45.78 29.90 2.69
CA LYS A 46 45.33 29.12 1.55
C LYS A 46 44.54 27.89 1.97
N VAL A 47 44.18 27.78 3.24
CA VAL A 47 43.54 26.57 3.75
C VAL A 47 42.03 26.75 3.81
N LYS A 48 41.33 25.62 3.78
CA LYS A 48 39.87 25.55 3.91
C LYS A 48 39.55 24.67 5.10
N ILE A 49 39.00 25.27 6.14
CA ILE A 49 38.72 24.58 7.39
C ILE A 49 37.22 24.31 7.48
N PRO A 50 36.78 23.05 7.53
CA PRO A 50 35.35 22.76 7.60
C PRO A 50 34.74 23.27 8.90
N VAL A 51 33.55 23.86 8.78
CA VAL A 51 32.78 24.34 9.92
C VAL A 51 31.33 23.95 9.73
N ALA A 52 30.56 24.08 10.81
CA ALA A 52 29.11 24.00 10.75
C ALA A 52 28.55 25.41 10.88
N ILE A 53 27.51 25.70 10.10
CA ILE A 53 26.92 27.04 10.06
C ILE A 53 25.41 26.92 10.19
N LYS A 54 24.87 27.72 11.12
CA LYS A 54 23.41 27.80 11.32
C LYS A 54 22.96 29.22 10.97
N GLU A 55 22.21 29.35 9.88
CA GLU A 55 21.63 30.63 9.50
C GLU A 55 20.23 30.74 10.08
N LEU A 56 19.95 31.86 10.74
CA LEU A 56 18.69 32.02 11.44
C LEU A 56 17.51 32.15 10.48
N ARG A 57 16.32 31.85 11.00
CA ARG A 57 15.12 31.80 10.17
C ARG A 57 14.80 33.17 9.58
N GLU A 58 14.59 34.15 10.46
CA GLU A 58 14.23 35.49 10.05
C GLU A 58 15.41 36.42 10.26
N ALA A 59 15.47 37.50 9.49
CA ALA A 59 16.45 38.52 9.78
C ALA A 59 16.08 39.18 11.09
N THR A 60 17.01 39.97 11.64
CA THR A 60 16.80 40.51 12.97
C THR A 60 17.24 41.96 13.00
N SER A 61 16.90 42.62 14.09
CA SER A 61 17.14 44.01 14.36
C SER A 61 18.35 44.16 15.26
N PRO A 62 18.95 45.35 15.32
CA PRO A 62 20.09 45.53 16.24
C PRO A 62 19.73 45.21 17.68
N LYS A 63 18.47 45.39 18.06
CA LYS A 63 18.06 45.08 19.41
C LYS A 63 17.97 43.57 19.64
N ALA A 64 17.29 42.87 18.71
CA ALA A 64 17.21 41.42 18.84
C ALA A 64 18.58 40.77 18.71
N ASN A 65 19.50 41.39 17.97
CA ASN A 65 20.86 40.87 17.89
C ASN A 65 21.58 40.98 19.22
N LYS A 66 21.26 42.01 20.00
CA LYS A 66 21.84 42.12 21.34
C LYS A 66 21.36 40.98 22.22
N GLU A 67 20.08 40.61 22.10
CA GLU A 67 19.57 39.45 22.80
C GLU A 67 20.27 38.18 22.33
N ILE A 68 20.54 38.09 21.02
CA ILE A 68 21.29 36.95 20.48
C ILE A 68 22.68 36.89 21.07
N LEU A 69 23.40 38.03 21.04
CA LEU A 69 24.78 38.05 21.53
C LEU A 69 24.85 37.71 23.01
N ASP A 70 23.91 38.23 23.81
CA ASP A 70 23.93 37.97 25.25
C ASP A 70 23.87 36.47 25.54
N GLU A 71 23.01 35.74 24.82
CA GLU A 71 22.96 34.30 24.98
C GLU A 71 24.13 33.61 24.28
N ALA A 72 24.59 34.18 23.17
CA ALA A 72 25.70 33.56 22.42
C ALA A 72 26.97 33.52 23.26
N TYR A 73 27.22 34.59 24.03
CA TYR A 73 28.39 34.60 24.90
C TYR A 73 28.30 33.51 25.96
N VAL A 74 27.09 33.24 26.46
CA VAL A 74 26.92 32.19 27.46
C VAL A 74 27.21 30.83 26.85
N MET A 75 26.70 30.57 25.64
CA MET A 75 26.91 29.29 24.98
C MET A 75 28.34 29.13 24.48
N ALA A 76 29.08 30.22 24.34
CA ALA A 76 30.50 30.16 23.99
C ALA A 76 31.40 29.96 25.20
N SER A 77 30.85 29.96 26.41
CA SER A 77 31.63 29.90 27.63
C SER A 77 31.67 28.52 28.27
N VAL A 78 30.96 27.55 27.71
CA VAL A 78 30.95 26.21 28.30
C VAL A 78 32.29 25.52 28.02
N ASP A 79 32.74 24.72 28.99
CA ASP A 79 34.02 24.02 28.87
C ASP A 79 33.87 22.67 29.55
N ASN A 80 33.39 21.68 28.79
CA ASN A 80 33.21 20.33 29.27
C ASN A 80 33.32 19.40 28.08
N PRO A 81 34.00 18.26 28.22
CA PRO A 81 34.19 17.36 27.07
C PRO A 81 32.89 16.87 26.45
N HIS A 82 31.77 16.88 27.18
CA HIS A 82 30.52 16.33 26.68
C HIS A 82 29.48 17.40 26.42
N VAL A 83 29.90 18.66 26.26
CA VAL A 83 29.01 19.77 25.97
C VAL A 83 29.62 20.58 24.82
N CYS A 84 28.83 20.79 23.77
CA CYS A 84 29.29 21.56 22.63
C CYS A 84 29.36 23.05 22.97
N ARG A 85 30.36 23.72 22.40
CA ARG A 85 30.58 25.14 22.59
C ARG A 85 30.31 25.89 21.29
N LEU A 86 29.58 27.00 21.40
CA LEU A 86 29.42 27.91 20.27
C LEU A 86 30.73 28.64 20.00
N LEU A 87 31.13 28.71 18.73
CA LEU A 87 32.44 29.24 18.37
C LEU A 87 32.40 30.64 17.78
N GLY A 88 31.41 30.96 16.96
CA GLY A 88 31.42 32.24 16.29
C GLY A 88 30.05 32.68 15.86
N ILE A 89 29.98 33.92 15.39
CA ILE A 89 28.73 34.52 14.93
C ILE A 89 29.08 35.54 13.85
N CYS A 90 28.22 35.61 12.83
CA CYS A 90 28.33 36.61 11.78
C CYS A 90 27.08 37.47 11.81
N LEU A 91 27.26 38.75 12.12
CA LEU A 91 26.14 39.68 12.31
C LEU A 91 25.68 40.27 10.98
N THR A 92 25.19 39.39 10.12
CA THR A 92 24.57 39.79 8.88
C THR A 92 23.09 40.11 9.14
N SER A 93 22.37 40.54 8.11
CA SER A 93 20.94 40.71 8.25
C SER A 93 20.32 39.47 8.89
N THR A 94 20.51 38.32 8.24
CA THR A 94 20.20 37.03 8.85
C THR A 94 21.48 36.54 9.52
N VAL A 95 21.48 36.44 10.86
CA VAL A 95 22.68 36.09 11.60
C VAL A 95 23.07 34.65 11.33
N GLN A 96 24.38 34.40 11.24
CA GLN A 96 24.93 33.08 10.98
C GLN A 96 25.79 32.67 12.16
N LEU A 97 25.51 31.49 12.71
CA LEU A 97 26.24 30.96 13.85
C LEU A 97 27.19 29.87 13.38
N ILE A 98 28.31 29.72 14.06
CA ILE A 98 29.38 28.81 13.66
C ILE A 98 29.81 27.99 14.85
N MET A 99 29.87 26.66 14.67
CA MET A 99 30.40 25.75 15.69
C MET A 99 31.20 24.67 14.98
N GLN A 100 31.77 23.75 15.76
CA GLN A 100 32.56 22.68 15.20
C GLN A 100 31.69 21.72 14.40
N LEU A 101 32.19 21.30 13.24
CA LEU A 101 31.48 20.34 12.41
C LEU A 101 31.68 18.93 12.94
N MET A 102 30.59 18.19 13.09
CA MET A 102 30.63 16.81 13.55
C MET A 102 30.33 15.88 12.38
N PRO A 103 31.33 15.31 11.72
CA PRO A 103 31.06 14.51 10.51
C PRO A 103 30.21 13.28 10.77
N PHE A 104 30.12 12.81 12.01
CA PHE A 104 29.27 11.67 12.33
C PHE A 104 27.81 12.05 12.53
N GLY A 105 27.51 13.34 12.63
CA GLY A 105 26.12 13.76 12.77
C GLY A 105 25.64 13.63 14.20
N CYS A 106 24.31 13.61 14.33
CA CYS A 106 23.67 13.51 15.63
C CYS A 106 23.49 12.04 16.03
N LEU A 107 23.33 11.83 17.34
CA LEU A 107 23.27 10.48 17.87
C LEU A 107 21.99 9.76 17.45
N LEU A 108 20.90 10.50 17.22
CA LEU A 108 19.66 9.87 16.79
C LEU A 108 19.81 9.20 15.43
N ASP A 109 20.38 9.92 14.46
CA ASP A 109 20.61 9.33 13.15
C ASP A 109 21.65 8.22 13.21
N TYR A 110 22.64 8.35 14.11
CA TYR A 110 23.68 7.33 14.22
C TYR A 110 23.11 6.00 14.69
N VAL A 111 22.27 6.03 15.73
CA VAL A 111 21.73 4.78 16.25
C VAL A 111 20.71 4.17 15.29
N ARG A 112 20.04 5.01 14.50
CA ARG A 112 19.10 4.48 13.51
C ARG A 112 19.82 3.77 12.38
N GLU A 113 20.95 4.33 11.93
CA GLU A 113 21.69 3.72 10.83
C GLU A 113 22.54 2.54 11.27
N HIS A 114 22.89 2.45 12.56
CA HIS A 114 23.67 1.35 13.09
C HIS A 114 22.85 0.46 14.02
N LYS A 115 21.52 0.44 13.83
CA LYS A 115 20.64 -0.22 14.79
C LYS A 115 20.93 -1.71 14.92
N ASP A 116 21.49 -2.32 13.88
CA ASP A 116 21.81 -3.74 13.89
C ASP A 116 23.27 -4.02 14.24
N ASN A 117 24.01 -3.01 14.74
CA ASN A 117 25.42 -3.20 15.01
C ASN A 117 25.89 -2.42 16.26
N ILE A 118 24.99 -2.04 17.15
CA ILE A 118 25.32 -1.27 18.35
C ILE A 118 25.19 -2.16 19.58
N GLY A 119 26.28 -2.25 20.35
CA GLY A 119 26.29 -3.09 21.52
C GLY A 119 25.91 -2.40 22.81
N SER A 120 25.74 -3.20 23.85
CA SER A 120 25.30 -2.67 25.13
C SER A 120 26.36 -1.76 25.75
N GLN A 121 27.63 -2.00 25.41
CA GLN A 121 28.70 -1.16 25.95
C GLN A 121 28.59 0.27 25.46
N TYR A 122 28.35 0.46 24.15
CA TYR A 122 28.23 1.81 23.61
C TYR A 122 27.01 2.53 24.14
N LEU A 123 25.88 1.82 24.22
CA LEU A 123 24.63 2.45 24.67
C LEU A 123 24.76 2.98 26.10
N LEU A 124 25.30 2.16 27.01
CA LEU A 124 25.41 2.60 28.39
C LEU A 124 26.45 3.71 28.56
N ASN A 125 27.53 3.66 27.77
CA ASN A 125 28.52 4.74 27.81
C ASN A 125 27.96 6.05 27.27
N TRP A 126 27.09 5.97 26.25
CA TRP A 126 26.44 7.17 25.76
C TRP A 126 25.55 7.78 26.84
N CYS A 127 24.82 6.94 27.58
CA CYS A 127 24.00 7.43 28.68
C CYS A 127 24.86 8.12 29.74
N VAL A 128 26.02 7.55 30.05
CA VAL A 128 26.93 8.15 31.01
C VAL A 128 27.37 9.53 30.51
N GLN A 129 27.79 9.60 29.25
CA GLN A 129 28.33 10.85 28.72
C GLN A 129 27.26 11.94 28.64
N ILE A 130 26.03 11.56 28.27
CA ILE A 130 24.95 12.54 28.21
C ILE A 130 24.63 13.06 29.60
N ALA A 131 24.61 12.18 30.60
CA ALA A 131 24.38 12.62 31.98
C ALA A 131 25.53 13.50 32.48
N LYS A 132 26.76 13.17 32.07
CA LYS A 132 27.90 14.01 32.44
C LYS A 132 27.77 15.41 31.88
N GLY A 133 27.35 15.51 30.60
CA GLY A 133 27.12 16.82 30.02
C GLY A 133 25.97 17.55 30.68
N MET A 134 24.88 16.83 30.95
CA MET A 134 23.73 17.47 31.59
C MET A 134 24.07 17.92 33.00
N ASN A 135 24.87 17.13 33.72
CA ASN A 135 25.31 17.56 35.06
C ASN A 135 26.14 18.83 34.98
N TYR A 136 26.96 18.97 33.94
CA TYR A 136 27.73 20.20 33.78
C TYR A 136 26.81 21.40 33.56
N LEU A 137 25.80 21.25 32.70
CA LEU A 137 24.88 22.35 32.43
C LEU A 137 24.16 22.79 33.70
N GLU A 138 23.77 21.83 34.54
CA GLU A 138 23.16 22.18 35.82
C GLU A 138 24.14 22.92 36.71
N ASP A 139 25.40 22.48 36.72
CA ASP A 139 26.43 23.14 37.51
C ASP A 139 26.62 24.58 37.06
N ARG A 140 26.51 24.84 35.75
CA ARG A 140 26.56 26.20 35.23
C ARG A 140 25.23 26.93 35.37
N ARG A 141 24.24 26.28 36.01
CA ARG A 141 22.89 26.82 36.17
C ARG A 141 22.24 27.12 34.82
N LEU A 142 22.45 26.22 33.87
CA LEU A 142 21.89 26.33 32.53
C LEU A 142 20.87 25.22 32.31
N VAL A 143 19.63 25.61 32.01
CA VAL A 143 18.59 24.66 31.65
C VAL A 143 18.66 24.39 30.16
N HIS A 144 18.63 23.11 29.77
CA HIS A 144 18.76 22.75 28.37
C HIS A 144 17.51 23.16 27.58
N ARG A 145 16.36 22.63 27.96
CA ARG A 145 15.02 22.88 27.42
C ARG A 145 14.76 22.11 26.12
N ASP A 146 15.75 21.47 25.52
CA ASP A 146 15.54 20.75 24.27
C ASP A 146 16.43 19.52 24.20
N LEU A 147 16.57 18.81 25.32
CA LEU A 147 17.39 17.60 25.32
C LEU A 147 16.67 16.49 24.57
N ALA A 148 17.37 15.89 23.61
CA ALA A 148 16.84 14.82 22.79
C ALA A 148 17.99 14.19 22.05
N ALA A 149 17.76 12.99 21.53
CA ALA A 149 18.80 12.30 20.76
C ALA A 149 19.23 13.11 19.54
N ARG A 150 18.31 13.88 18.95
CA ARG A 150 18.68 14.72 17.81
C ARG A 150 19.66 15.82 18.20
N ASN A 151 19.64 16.25 19.46
CA ASN A 151 20.54 17.29 19.95
C ASN A 151 21.71 16.71 20.75
N VAL A 152 22.09 15.47 20.46
CA VAL A 152 23.33 14.88 20.95
C VAL A 152 24.17 14.58 19.72
N LEU A 153 25.32 15.24 19.61
CA LEU A 153 26.16 15.13 18.43
C LEU A 153 27.26 14.11 18.68
N VAL A 154 27.60 13.35 17.65
CA VAL A 154 28.63 12.31 17.72
C VAL A 154 29.92 12.90 17.17
N LYS A 155 30.89 13.13 18.07
CA LYS A 155 32.21 13.54 17.62
C LYS A 155 33.01 12.34 17.14
N THR A 156 33.09 11.29 17.94
CA THR A 156 33.52 9.96 17.57
C THR A 156 32.51 8.96 18.12
N PRO A 157 32.47 7.74 17.59
CA PRO A 157 31.55 6.74 18.15
C PRO A 157 31.66 6.55 19.66
N GLN A 158 32.83 6.82 20.23
CA GLN A 158 33.04 6.69 21.67
C GLN A 158 32.86 8.01 22.43
N HIS A 159 32.49 9.09 21.74
CA HIS A 159 32.47 10.41 22.36
C HIS A 159 31.33 11.23 21.77
N VAL A 160 30.29 11.47 22.57
CA VAL A 160 29.16 12.29 22.15
C VAL A 160 29.13 13.55 23.01
N LYS A 161 28.50 14.58 22.46
CA LYS A 161 28.41 15.88 23.12
C LYS A 161 27.03 16.46 22.90
N ILE A 162 26.46 17.07 23.94
CA ILE A 162 25.13 17.66 23.86
C ILE A 162 25.23 19.05 23.26
N THR A 163 24.19 19.44 22.51
CA THR A 163 24.18 20.70 21.79
C THR A 163 22.80 21.33 21.88
N ASP A 164 22.70 22.55 21.33
CA ASP A 164 21.42 23.27 21.18
C ASP A 164 20.72 23.45 22.52
N PHE A 165 21.47 23.83 23.54
CA PHE A 165 20.92 24.09 24.86
C PHE A 165 20.72 25.59 25.08
N GLY A 166 19.85 25.91 26.03
CA GLY A 166 19.66 27.30 26.43
C GLY A 166 18.90 28.16 25.45
N LEU A 167 18.17 27.57 24.51
CA LEU A 167 17.46 28.33 23.49
C LEU A 167 15.99 28.52 23.88
N ALA A 168 15.81 29.26 24.98
CA ALA A 168 14.49 29.58 25.48
C ALA A 168 13.70 30.36 24.43
N VAL A 185 7.43 22.76 18.84
CA VAL A 185 7.65 22.52 20.26
C VAL A 185 7.79 21.03 20.52
N PRO A 186 8.88 20.63 21.19
CA PRO A 186 9.13 19.20 21.46
C PRO A 186 8.26 18.67 22.60
N ILE A 187 6.96 18.60 22.35
CA ILE A 187 6.00 18.21 23.38
C ILE A 187 6.32 16.82 23.91
N LYS A 188 6.69 15.90 23.03
CA LYS A 188 6.88 14.50 23.43
C LYS A 188 8.17 14.27 24.19
N TRP A 189 9.04 15.28 24.33
CA TRP A 189 10.21 15.19 25.19
C TRP A 189 10.07 16.01 26.47
N MET A 190 9.02 16.81 26.60
CA MET A 190 8.88 17.74 27.71
C MET A 190 8.23 17.06 28.90
N ALA A 191 8.66 17.46 30.10
CA ALA A 191 7.99 17.03 31.31
C ALA A 191 6.57 17.58 31.35
N LEU A 192 5.72 16.95 32.16
CA LEU A 192 4.31 17.33 32.21
C LEU A 192 4.15 18.79 32.65
N GLU A 193 4.94 19.22 33.64
CA GLU A 193 4.84 20.61 34.08
C GLU A 193 5.35 21.59 33.03
N SER A 194 6.19 21.13 32.09
CA SER A 194 6.58 21.99 30.98
C SER A 194 5.44 22.12 29.97
N ILE A 195 4.73 21.02 29.71
CA ILE A 195 3.58 21.08 28.81
C ILE A 195 2.47 21.91 29.42
N LEU A 196 2.16 21.66 30.70
CA LEU A 196 1.01 22.30 31.33
C LEU A 196 1.30 23.72 31.79
N HIS A 197 2.51 23.98 32.30
CA HIS A 197 2.76 25.25 32.97
C HIS A 197 4.02 25.96 32.47
N ARG A 198 4.54 25.56 31.30
CA ARG A 198 5.76 26.12 30.72
C ARG A 198 6.84 26.26 31.79
N ILE A 199 6.96 25.28 32.67
CA ILE A 199 7.95 25.28 33.74
C ILE A 199 9.14 24.45 33.29
N TYR A 200 10.29 25.11 33.12
CA TYR A 200 11.53 24.46 32.72
C TYR A 200 12.56 24.59 33.83
N THR A 201 12.95 23.46 34.41
CA THR A 201 13.99 23.41 35.43
C THR A 201 14.95 22.29 35.07
N HIS A 202 15.99 22.11 35.90
CA HIS A 202 16.90 20.99 35.69
C HIS A 202 16.19 19.66 35.92
N GLN A 203 15.12 19.64 36.71
CA GLN A 203 14.38 18.41 36.91
C GLN A 203 13.49 18.07 35.72
N SER A 204 13.05 19.10 34.96
CA SER A 204 12.36 18.82 33.71
C SER A 204 13.34 18.35 32.64
N ASP A 205 14.61 18.77 32.73
CA ASP A 205 15.63 18.21 31.86
C ASP A 205 15.84 16.72 32.13
N VAL A 206 15.69 16.29 33.38
CA VAL A 206 15.82 14.88 33.71
C VAL A 206 14.75 14.06 32.99
N TRP A 207 13.53 14.60 32.90
CA TRP A 207 12.48 13.95 32.12
C TRP A 207 12.92 13.78 30.66
N SER A 208 13.41 14.86 30.06
CA SER A 208 13.89 14.79 28.69
C SER A 208 15.05 13.81 28.56
N TYR A 209 15.92 13.77 29.58
CA TYR A 209 16.99 12.76 29.57
C TYR A 209 16.41 11.35 29.55
N GLY A 210 15.34 11.12 30.32
CA GLY A 210 14.70 9.82 30.30
C GLY A 210 14.18 9.45 28.92
N VAL A 211 13.55 10.40 28.22
CA VAL A 211 13.08 10.15 26.87
C VAL A 211 14.26 9.95 25.93
N THR A 212 15.34 10.71 26.13
CA THR A 212 16.53 10.56 25.29
C THR A 212 17.12 9.16 25.44
N VAL A 213 17.18 8.65 26.66
CA VAL A 213 17.66 7.29 26.88
C VAL A 213 16.74 6.29 26.20
N TRP A 214 15.42 6.52 26.25
CA TRP A 214 14.47 5.64 25.57
C TRP A 214 14.73 5.59 24.07
N GLU A 215 15.07 6.74 23.48
CA GLU A 215 15.39 6.76 22.05
C GLU A 215 16.59 5.89 21.74
N LEU A 216 17.61 5.91 22.59
CA LEU A 216 18.82 5.12 22.35
C LEU A 216 18.53 3.64 22.48
N MET A 217 17.74 3.24 23.47
CA MET A 217 17.45 1.83 23.71
CA MET A 217 17.48 1.82 23.68
C MET A 217 16.47 1.25 22.70
N THR A 218 15.69 2.10 22.03
CA THR A 218 14.83 1.66 20.95
C THR A 218 15.48 1.87 19.59
N PHE A 219 16.77 2.24 19.58
CA PHE A 219 17.53 2.46 18.36
C PHE A 219 16.87 3.51 17.45
N GLY A 220 16.38 4.58 18.08
CA GLY A 220 15.87 5.72 17.33
C GLY A 220 14.39 5.71 17.05
N SER A 221 13.59 5.01 17.86
CA SER A 221 12.15 5.03 17.67
C SER A 221 11.57 6.37 18.09
N LYS A 222 10.48 6.76 17.42
CA LYS A 222 9.82 8.01 17.74
C LYS A 222 8.94 7.83 18.98
N PRO A 223 9.13 8.61 20.03
CA PRO A 223 8.31 8.43 21.24
C PRO A 223 6.86 8.84 20.98
N TYR A 224 5.94 8.05 21.52
CA TYR A 224 4.50 8.24 21.31
C TYR A 224 4.18 8.35 19.82
N ASP A 225 4.74 7.42 19.05
CA ASP A 225 4.53 7.44 17.60
C ASP A 225 3.07 7.19 17.28
N GLY A 226 2.50 8.06 16.44
CA GLY A 226 1.10 7.97 16.06
C GLY A 226 0.14 8.71 16.97
N ILE A 227 0.56 9.11 18.16
CA ILE A 227 -0.29 9.84 19.09
C ILE A 227 -0.19 11.33 18.80
N PRO A 228 -1.30 12.05 18.61
CA PRO A 228 -1.21 13.49 18.36
C PRO A 228 -0.62 14.21 19.57
N ALA A 229 0.24 15.20 19.29
CA ALA A 229 0.90 15.95 20.36
C ALA A 229 -0.12 16.63 21.28
N SER A 230 -1.29 17.00 20.75
CA SER A 230 -2.30 17.66 21.57
C SER A 230 -2.86 16.75 22.67
N GLU A 231 -2.61 15.44 22.61
CA GLU A 231 -3.13 14.49 23.57
C GLU A 231 -2.08 13.98 24.55
N ILE A 232 -0.80 14.36 24.38
CA ILE A 232 0.26 13.80 25.20
C ILE A 232 0.04 14.12 26.68
N SER A 233 -0.30 15.38 26.98
CA SER A 233 -0.55 15.77 28.37
C SER A 233 -1.68 14.94 28.97
N SER A 234 -2.69 14.61 28.17
CA SER A 234 -3.80 13.80 28.66
C SER A 234 -3.33 12.41 29.05
N ILE A 235 -2.52 11.76 28.20
CA ILE A 235 -2.10 10.39 28.48
C ILE A 235 -1.12 10.37 29.66
N LEU A 236 -0.32 11.41 29.83
CA LEU A 236 0.63 11.44 30.94
C LEU A 236 -0.09 11.63 32.27
N GLU A 237 -1.06 12.55 32.31
CA GLU A 237 -1.83 12.74 33.53
C GLU A 237 -2.51 11.46 33.99
N LYS A 238 -3.07 10.67 33.05
CA LYS A 238 -3.74 9.46 33.50
C LYS A 238 -2.77 8.31 33.78
N GLY A 239 -1.46 8.52 33.72
CA GLY A 239 -0.52 7.49 34.15
C GLY A 239 0.23 6.72 33.09
N GLU A 240 0.05 7.03 31.80
CA GLU A 240 0.73 6.24 30.79
C GLU A 240 2.10 6.84 30.49
N ARG A 241 3.06 5.95 30.21
CA ARG A 241 4.44 6.32 29.96
C ARG A 241 4.93 5.59 28.71
N LEU A 242 6.14 5.95 28.29
CA LEU A 242 6.76 5.22 27.19
C LEU A 242 6.98 3.77 27.60
N PRO A 243 6.79 2.81 26.69
CA PRO A 243 6.88 1.39 27.08
C PRO A 243 8.31 0.95 27.28
N GLN A 244 8.44 -0.20 27.92
CA GLN A 244 9.76 -0.77 28.18
C GLN A 244 10.40 -1.22 26.87
N PRO A 245 11.58 -0.73 26.52
CA PRO A 245 12.23 -1.20 25.30
C PRO A 245 12.56 -2.67 25.42
N PRO A 246 12.51 -3.40 24.30
CA PRO A 246 12.71 -4.86 24.37
C PRO A 246 14.07 -5.26 24.92
N ILE A 247 15.11 -4.45 24.67
CA ILE A 247 16.45 -4.77 25.16
C ILE A 247 16.67 -4.38 26.61
N CYS A 248 15.72 -3.70 27.24
CA CYS A 248 15.90 -3.18 28.59
C CYS A 248 15.47 -4.19 29.64
N THR A 249 16.32 -4.38 30.65
CA THR A 249 15.92 -5.08 31.85
C THR A 249 15.09 -4.13 32.72
N ILE A 250 14.43 -4.70 33.74
CA ILE A 250 13.61 -3.88 34.62
C ILE A 250 14.45 -2.84 35.35
N ASP A 251 15.72 -3.16 35.64
CA ASP A 251 16.59 -2.19 36.32
C ASP A 251 16.75 -0.93 35.49
N VAL A 252 16.93 -1.07 34.18
CA VAL A 252 17.11 0.10 33.32
C VAL A 252 15.79 0.83 33.13
N TYR A 253 14.69 0.09 32.96
CA TYR A 253 13.40 0.72 32.74
C TYR A 253 12.95 1.52 33.95
N MET A 254 13.27 1.06 35.16
CA MET A 254 12.86 1.79 36.35
C MET A 254 13.58 3.12 36.48
N ILE A 255 14.80 3.21 35.95
CA ILE A 255 15.48 4.50 35.89
C ILE A 255 14.74 5.46 34.98
N MET A 256 14.36 4.99 33.79
CA MET A 256 13.60 5.82 32.87
C MET A 256 12.26 6.22 33.47
N ARG A 257 11.59 5.31 34.17
CA ARG A 257 10.32 5.63 34.79
C ARG A 257 10.48 6.64 35.93
N LYS A 258 11.60 6.60 36.64
CA LYS A 258 11.83 7.58 37.70
C LYS A 258 12.07 8.97 37.13
N CYS A 259 12.63 9.05 35.92
CA CYS A 259 12.75 10.34 35.24
C CYS A 259 11.39 10.93 34.88
N TRP A 260 10.35 10.11 34.84
CA TRP A 260 9.03 10.52 34.37
C TRP A 260 8.00 10.59 35.51
N MET A 261 8.46 10.79 36.74
CA MET A 261 7.54 10.97 37.85
C MET A 261 6.94 12.37 37.84
N ILE A 262 5.67 12.46 38.25
CA ILE A 262 4.96 13.74 38.19
C ILE A 262 5.62 14.75 39.11
N ASP A 263 6.01 14.33 40.30
CA ASP A 263 6.76 15.20 41.22
C ASP A 263 8.17 15.37 40.69
N ALA A 264 8.50 16.59 40.25
CA ALA A 264 9.82 16.83 39.67
C ALA A 264 10.93 16.54 40.66
N ASP A 265 10.72 16.86 41.93
CA ASP A 265 11.73 16.65 42.95
C ASP A 265 11.89 15.17 43.31
N SER A 266 11.01 14.30 42.83
CA SER A 266 11.18 12.86 43.01
C SER A 266 12.04 12.23 41.94
N ARG A 267 12.24 12.92 40.81
CA ARG A 267 13.07 12.40 39.74
C ARG A 267 14.53 12.39 40.17
N PRO A 268 15.34 11.48 39.61
CA PRO A 268 16.75 11.42 39.98
C PRO A 268 17.50 12.67 39.54
N LYS A 269 18.62 12.92 40.22
CA LYS A 269 19.53 13.99 39.84
C LYS A 269 20.54 13.46 38.83
N PHE A 270 21.06 14.37 38.00
CA PHE A 270 21.99 13.95 36.95
C PHE A 270 23.25 13.32 37.55
N ARG A 271 23.69 13.81 38.71
CA ARG A 271 24.84 13.20 39.36
C ARG A 271 24.54 11.77 39.78
N GLU A 272 23.29 11.51 40.20
CA GLU A 272 22.88 10.14 40.50
C GLU A 272 22.80 9.30 39.23
N LEU A 273 22.38 9.90 38.13
CA LEU A 273 22.29 9.17 36.87
C LEU A 273 23.68 8.79 36.35
N ILE A 274 24.68 9.64 36.59
CA ILE A 274 26.06 9.32 36.22
C ILE A 274 26.51 8.07 36.96
N ILE A 275 26.32 8.04 38.28
CA ILE A 275 26.78 6.91 39.10
C ILE A 275 26.09 5.63 38.66
N GLU A 276 24.77 5.67 38.50
CA GLU A 276 24.01 4.44 38.24
C GLU A 276 24.35 3.86 36.88
N PHE A 277 24.41 4.69 35.84
CA PHE A 277 24.76 4.19 34.52
C PHE A 277 26.23 3.77 34.43
N SER A 278 27.10 4.39 35.23
CA SER A 278 28.49 3.94 35.27
C SER A 278 28.58 2.53 35.86
N LYS A 279 27.79 2.25 36.90
CA LYS A 279 27.73 0.90 37.45
C LYS A 279 27.28 -0.11 36.40
N MET A 280 26.23 0.22 35.66
CA MET A 280 25.74 -0.71 34.64
C MET A 280 26.70 -0.83 33.47
N ALA A 281 27.43 0.24 33.15
CA ALA A 281 28.41 0.17 32.07
C ALA A 281 29.56 -0.77 32.39
N ARG A 282 29.75 -1.09 33.66
CA ARG A 282 30.85 -2.01 34.06
C ARG A 282 30.46 -3.46 33.74
N ASP A 283 29.18 -3.75 33.59
CA ASP A 283 28.70 -5.11 33.22
C ASP A 283 27.51 -4.95 32.28
N PRO A 284 27.72 -4.46 31.05
CA PRO A 284 26.59 -4.16 30.14
C PRO A 284 25.57 -5.25 29.79
N GLN A 285 25.99 -6.52 29.69
CA GLN A 285 25.09 -7.57 29.23
C GLN A 285 24.10 -8.05 30.29
N ARG A 286 24.30 -7.63 31.54
CA ARG A 286 23.34 -8.00 32.60
C ARG A 286 22.16 -7.02 32.61
N TYR A 287 22.32 -5.82 32.06
CA TYR A 287 21.28 -4.80 32.08
C TYR A 287 20.67 -4.53 30.71
N LEU A 288 21.35 -4.90 29.62
CA LEU A 288 20.78 -4.78 28.29
C LEU A 288 20.85 -6.13 27.60
N VAL A 289 19.77 -6.52 26.95
CA VAL A 289 19.64 -7.81 26.30
C VAL A 289 19.56 -7.55 24.80
N ILE A 290 20.70 -7.65 24.12
CA ILE A 290 20.81 -7.31 22.71
C ILE A 290 21.26 -8.55 21.95
N GLN A 291 20.61 -8.84 20.83
CA GLN A 291 20.98 -9.98 20.02
C GLN A 291 22.34 -9.75 19.38
N GLY A 292 23.26 -10.69 19.60
CA GLY A 292 24.60 -10.55 19.08
C GLY A 292 25.52 -9.68 19.90
N ASP A 293 25.15 -9.41 21.17
CA ASP A 293 25.91 -8.46 21.97
C ASP A 293 27.35 -8.90 22.16
N GLU A 294 27.59 -10.21 22.30
CA GLU A 294 28.95 -10.70 22.50
C GLU A 294 29.77 -10.55 21.23
N ARG A 295 29.11 -10.40 20.08
CA ARG A 295 29.76 -10.24 18.79
C ARG A 295 29.84 -8.80 18.31
N MET A 296 29.37 -7.83 19.09
CA MET A 296 29.51 -6.46 18.64
C MET A 296 30.87 -5.87 19.02
N HIS A 297 31.19 -4.77 18.33
CA HIS A 297 32.50 -4.13 18.45
C HIS A 297 32.59 -3.38 19.77
N LEU A 298 33.65 -3.67 20.53
CA LEU A 298 33.98 -2.96 21.74
C LEU A 298 34.98 -1.84 21.45
N PRO A 299 35.01 -0.79 22.27
CA PRO A 299 36.03 0.25 22.10
C PRO A 299 37.44 -0.26 22.40
N SER A 300 38.27 -0.45 21.37
CA SER A 300 39.62 -0.93 21.61
C SER A 300 40.55 0.22 22.02
N PRO A 301 41.57 -0.08 22.84
CA PRO A 301 42.58 0.95 23.12
C PRO A 301 43.26 1.44 21.84
N THR A 302 43.52 0.54 20.89
CA THR A 302 44.11 0.94 19.64
C THR A 302 43.16 1.82 18.83
N ASP A 303 41.87 1.49 18.81
CA ASP A 303 40.91 2.31 18.08
C ASP A 303 40.69 3.65 18.74
N SER A 304 40.64 3.70 20.08
CA SER A 304 40.37 4.96 20.76
C SER A 304 41.54 5.93 20.60
N ASN A 305 42.77 5.43 20.67
CA ASN A 305 43.94 6.30 20.47
C ASN A 305 44.00 6.81 19.04
N PHE A 306 43.61 5.98 18.07
CA PHE A 306 43.60 6.40 16.67
C PHE A 306 42.54 7.47 16.44
N TYR A 307 41.33 7.24 16.96
CA TYR A 307 40.26 8.22 16.83
C TYR A 307 40.65 9.56 17.45
N ARG A 308 41.30 9.52 18.62
CA ARG A 308 41.66 10.75 19.32
C ARG A 308 42.64 11.58 18.51
N ALA A 309 43.69 10.95 17.98
CA ALA A 309 44.74 11.71 17.29
C ALA A 309 44.24 12.35 16.00
N LEU A 310 43.23 11.76 15.35
CA LEU A 310 42.74 12.30 14.10
C LEU A 310 41.58 13.27 14.29
N MET A 311 40.65 12.97 15.22
CA MET A 311 39.41 13.73 15.32
C MET A 311 39.13 14.33 16.70
N ASP A 312 39.79 13.87 17.77
CA ASP A 312 39.28 14.15 19.12
C ASP A 312 40.47 14.32 20.07
N GLU A 313 41.12 15.46 20.00
CA GLU A 313 42.32 15.74 20.79
C GLU A 313 42.03 16.45 22.11
N GLU A 314 40.77 16.63 22.49
CA GLU A 314 40.48 17.40 23.69
C GLU A 314 40.73 16.58 24.97
N ASP A 315 40.81 17.29 26.11
CA ASP A 315 41.31 16.72 27.37
C ASP A 315 40.72 15.37 27.74
N MET A 316 39.40 15.30 27.89
CA MET A 316 38.74 14.10 28.44
C MET A 316 39.32 13.79 29.80
N ASN B 9 23.40 35.19 -3.54
CA ASN B 9 24.34 36.13 -4.23
C ASN B 9 23.80 36.45 -5.63
N GLN B 10 23.90 37.72 -6.04
CA GLN B 10 23.48 38.11 -7.40
C GLN B 10 24.50 37.57 -8.40
N ALA B 11 25.61 37.02 -7.90
CA ALA B 11 26.61 36.41 -8.80
C ALA B 11 26.11 35.02 -9.22
N LEU B 12 24.94 34.62 -8.74
CA LEU B 12 24.38 33.30 -9.07
C LEU B 12 23.32 33.45 -10.17
N LEU B 13 22.85 34.68 -10.42
CA LEU B 13 21.89 34.92 -11.49
C LEU B 13 22.51 35.89 -12.49
N ARG B 14 22.75 35.42 -13.71
CA ARG B 14 23.30 36.25 -14.77
C ARG B 14 22.20 37.03 -15.48
N ILE B 15 22.38 38.34 -15.58
CA ILE B 15 21.46 39.20 -16.33
C ILE B 15 21.95 39.24 -17.78
N LEU B 16 21.11 38.73 -18.68
CA LEU B 16 21.48 38.55 -20.08
C LEU B 16 20.93 39.67 -20.95
N LYS B 17 21.63 39.93 -22.05
CA LYS B 17 21.14 40.81 -23.11
C LYS B 17 20.36 40.01 -24.13
N GLU B 18 19.39 40.66 -24.78
CA GLU B 18 18.66 40.01 -25.86
C GLU B 18 19.59 39.53 -26.96
N THR B 19 20.67 40.26 -27.21
CA THR B 19 21.53 40.01 -28.36
C THR B 19 22.47 38.83 -28.17
N GLU B 20 22.58 38.26 -26.97
CA GLU B 20 23.54 37.21 -26.70
C GLU B 20 22.90 35.82 -26.63
N PHE B 21 21.62 35.70 -26.95
CA PHE B 21 20.99 34.38 -27.03
C PHE B 21 19.91 34.43 -28.08
N LYS B 22 19.57 33.24 -28.60
CA LYS B 22 18.58 33.11 -29.67
C LYS B 22 17.73 31.88 -29.41
N LYS B 23 16.41 32.06 -29.52
CA LYS B 23 15.50 30.91 -29.50
C LYS B 23 15.57 30.19 -30.84
N ILE B 24 15.65 28.86 -30.78
CA ILE B 24 15.89 28.03 -31.95
C ILE B 24 14.71 27.11 -32.25
N LYS B 25 14.19 26.46 -31.22
CA LYS B 25 13.11 25.49 -31.41
C LYS B 25 12.32 25.38 -30.12
N VAL B 26 11.00 25.46 -30.24
CA VAL B 26 10.12 25.36 -29.07
C VAL B 26 10.08 23.92 -28.58
N LEU B 27 9.94 23.77 -27.26
CA LEU B 27 9.83 22.46 -26.64
C LEU B 27 8.47 22.20 -26.02
N GLY B 28 7.77 23.24 -25.57
CA GLY B 28 6.46 23.08 -24.99
C GLY B 28 6.05 24.32 -24.24
N SER B 29 4.86 24.26 -23.66
CA SER B 29 4.32 25.38 -22.91
C SER B 29 3.63 24.85 -21.66
N GLY B 30 3.41 25.76 -20.71
CA GLY B 30 2.82 25.43 -19.43
C GLY B 30 1.88 26.51 -18.94
N ALA B 31 2.18 27.04 -17.74
CA ALA B 31 1.33 28.04 -17.13
C ALA B 31 1.97 29.41 -17.04
N PHE B 32 3.30 29.49 -16.94
CA PHE B 32 3.98 30.77 -16.86
C PHE B 32 4.53 31.24 -18.20
N GLY B 33 4.72 30.33 -19.15
CA GLY B 33 5.24 30.71 -20.44
C GLY B 33 5.60 29.49 -21.28
N THR B 34 6.35 29.75 -22.33
CA THR B 34 6.72 28.75 -23.31
C THR B 34 8.22 28.44 -23.21
N VAL B 35 8.56 27.15 -23.26
CA VAL B 35 9.94 26.70 -23.14
C VAL B 35 10.49 26.43 -24.53
N TYR B 36 11.68 26.97 -24.81
CA TYR B 36 12.33 26.81 -26.10
C TYR B 36 13.70 26.17 -25.91
N LYS B 37 14.14 25.46 -26.94
CA LYS B 37 15.55 25.14 -27.07
C LYS B 37 16.26 26.34 -27.69
N GLY B 38 17.30 26.84 -27.03
CA GLY B 38 17.97 28.05 -27.46
C GLY B 38 19.47 27.83 -27.55
N LEU B 39 20.15 28.90 -27.97
CA LEU B 39 21.60 28.89 -28.10
C LEU B 39 22.16 30.13 -27.43
N TRP B 40 23.16 29.93 -26.57
CA TRP B 40 23.87 31.04 -25.95
C TRP B 40 25.19 31.26 -26.68
N ILE B 41 25.37 32.46 -27.23
CA ILE B 41 26.60 32.83 -27.91
C ILE B 41 27.37 33.76 -26.98
N PRO B 42 28.36 33.26 -26.25
CA PRO B 42 29.13 34.15 -25.36
C PRO B 42 29.68 35.32 -26.17
N GLU B 43 29.64 36.50 -25.57
CA GLU B 43 30.06 37.69 -26.30
C GLU B 43 31.55 37.62 -26.62
N GLY B 44 31.89 37.97 -27.86
CA GLY B 44 33.25 37.91 -28.33
C GLY B 44 33.75 36.53 -28.71
N GLU B 45 32.88 35.52 -28.69
CA GLU B 45 33.26 34.14 -28.96
C GLU B 45 32.57 33.63 -30.21
N LYS B 46 32.98 32.42 -30.60
CA LYS B 46 32.53 31.70 -31.79
C LYS B 46 31.73 30.44 -31.44
N VAL B 47 31.41 30.21 -30.19
CA VAL B 47 30.74 28.97 -29.82
C VAL B 47 29.24 29.19 -29.71
N LYS B 48 28.48 28.11 -29.88
CA LYS B 48 27.03 28.12 -29.75
C LYS B 48 26.70 27.10 -28.68
N ILE B 49 26.24 27.56 -27.53
CA ILE B 49 26.00 26.69 -26.37
C ILE B 49 24.49 26.48 -26.23
N PRO B 50 23.99 25.25 -26.34
CA PRO B 50 22.55 25.04 -26.20
C PRO B 50 22.08 25.35 -24.79
N VAL B 51 20.94 26.05 -24.71
CA VAL B 51 20.31 26.39 -23.45
C VAL B 51 18.81 26.13 -23.59
N ALA B 52 18.13 26.14 -22.45
CA ALA B 52 16.68 26.19 -22.40
C ALA B 52 16.24 27.60 -22.03
N ILE B 53 15.17 28.07 -22.68
CA ILE B 53 14.66 29.42 -22.47
C ILE B 53 13.16 29.34 -22.25
N LYS B 54 12.69 29.94 -21.16
CA LYS B 54 11.26 30.06 -20.90
C LYS B 54 10.88 31.53 -20.98
N GLU B 55 10.11 31.88 -22.00
CA GLU B 55 9.58 33.23 -22.15
C GLU B 55 8.21 33.29 -21.50
N LEU B 56 7.99 34.30 -20.66
CA LEU B 56 6.75 34.40 -19.91
C LEU B 56 5.59 34.72 -20.84
N ARG B 57 4.39 34.36 -20.39
CA ARG B 57 3.21 34.53 -21.23
C ARG B 57 2.88 36.00 -21.44
N GLU B 58 2.70 36.76 -20.36
CA GLU B 58 2.25 38.13 -20.45
C GLU B 58 3.42 39.09 -20.22
N ALA B 59 3.29 40.30 -20.77
CA ALA B 59 4.30 41.33 -20.61
C ALA B 59 4.39 41.80 -19.16
N THR B 60 5.43 42.57 -18.87
CA THR B 60 5.73 42.98 -17.51
C THR B 60 6.17 44.44 -17.48
N SER B 61 6.19 45.01 -16.29
CA SER B 61 6.69 46.36 -16.05
C SER B 61 7.97 46.24 -15.25
N PRO B 62 8.78 47.30 -15.17
CA PRO B 62 9.93 47.26 -14.26
C PRO B 62 9.52 46.96 -12.82
N LYS B 63 8.29 47.27 -12.45
CA LYS B 63 7.81 46.99 -11.10
C LYS B 63 7.60 45.50 -10.87
N ALA B 64 6.84 44.84 -11.75
CA ALA B 64 6.61 43.41 -11.61
C ALA B 64 7.90 42.62 -11.81
N ASN B 65 8.85 43.16 -12.57
CA ASN B 65 10.13 42.49 -12.76
C ASN B 65 10.91 42.41 -11.47
N LYS B 66 10.73 43.38 -10.57
CA LYS B 66 11.39 43.29 -9.27
C LYS B 66 10.86 42.10 -8.48
N GLU B 67 9.56 41.85 -8.55
CA GLU B 67 9.00 40.64 -7.95
C GLU B 67 9.57 39.39 -8.60
N ILE B 68 9.75 39.44 -9.93
CA ILE B 68 10.37 38.32 -10.64
C ILE B 68 11.81 38.11 -10.16
N LEU B 69 12.59 39.19 -10.12
CA LEU B 69 14.00 39.08 -9.74
C LEU B 69 14.15 38.56 -8.31
N ASP B 70 13.29 39.01 -7.39
CA ASP B 70 13.38 38.58 -6.00
C ASP B 70 13.27 37.07 -5.88
N GLU B 71 12.35 36.46 -6.64
CA GLU B 71 12.26 35.00 -6.64
C GLU B 71 13.37 34.37 -7.48
N ALA B 72 13.80 35.04 -8.55
CA ALA B 72 14.83 34.48 -9.43
C ALA B 72 16.15 34.32 -8.69
N TYR B 73 16.49 35.28 -7.83
CA TYR B 73 17.73 35.16 -7.07
C TYR B 73 17.69 33.97 -6.13
N VAL B 74 16.51 33.68 -5.55
CA VAL B 74 16.38 32.52 -4.68
C VAL B 74 16.50 31.23 -5.48
N MET B 75 15.85 31.17 -6.64
CA MET B 75 15.91 29.96 -7.47
C MET B 75 17.26 29.77 -8.13
N ALA B 76 18.08 30.82 -8.20
CA ALA B 76 19.45 30.69 -8.67
C ALA B 76 20.40 30.28 -7.57
N SER B 77 19.92 30.12 -6.34
CA SER B 77 20.74 29.84 -5.18
C SER B 77 20.71 28.38 -4.75
N VAL B 78 19.92 27.54 -5.42
CA VAL B 78 19.85 26.14 -5.04
C VAL B 78 21.12 25.43 -5.49
N ASP B 79 21.59 24.48 -4.68
CA ASP B 79 22.82 23.75 -4.97
C ASP B 79 22.64 22.33 -4.44
N ASN B 80 22.05 21.47 -5.27
CA ASN B 80 21.84 20.08 -4.92
C ASN B 80 21.81 19.31 -6.23
N PRO B 81 22.42 18.12 -6.29
CA PRO B 81 22.49 17.39 -7.56
C PRO B 81 21.13 17.06 -8.15
N HIS B 82 20.07 17.03 -7.35
CA HIS B 82 18.75 16.60 -7.82
C HIS B 82 17.75 17.75 -7.86
N VAL B 83 18.24 18.99 -7.91
CA VAL B 83 17.40 20.17 -8.02
C VAL B 83 17.97 21.06 -9.12
N CYS B 84 17.13 21.45 -10.08
CA CYS B 84 17.58 22.34 -11.14
C CYS B 84 17.78 23.75 -10.60
N ARG B 85 18.78 24.43 -11.13
CA ARG B 85 19.11 25.80 -10.75
C ARG B 85 18.79 26.75 -11.89
N LEU B 86 18.14 27.86 -11.57
CA LEU B 86 17.96 28.93 -12.54
C LEU B 86 19.29 29.62 -12.77
N LEU B 87 19.64 29.84 -14.04
CA LEU B 87 20.97 30.35 -14.38
C LEU B 87 20.97 31.81 -14.77
N GLY B 88 19.97 32.27 -15.51
CA GLY B 88 19.99 33.64 -15.99
C GLY B 88 18.60 34.15 -16.28
N ILE B 89 18.54 35.46 -16.56
CA ILE B 89 17.28 36.14 -16.83
C ILE B 89 17.57 37.30 -17.77
N CYS B 90 16.71 37.48 -18.77
CA CYS B 90 16.84 38.65 -19.66
C CYS B 90 15.63 39.55 -19.42
N LEU B 91 15.86 40.70 -18.81
CA LEU B 91 14.73 41.61 -18.46
C LEU B 91 14.29 42.38 -19.71
N THR B 92 13.53 41.72 -20.58
CA THR B 92 13.05 42.33 -21.83
C THR B 92 11.56 42.66 -21.68
N SER B 93 10.88 43.01 -22.76
CA SER B 93 9.41 43.23 -22.71
C SER B 93 8.80 42.02 -22.01
N THR B 94 8.74 40.89 -22.71
CA THR B 94 8.31 39.62 -22.07
C THR B 94 9.57 39.00 -21.47
N VAL B 95 9.61 38.84 -20.15
CA VAL B 95 10.87 38.36 -19.49
C VAL B 95 11.21 36.95 -19.98
N GLN B 96 12.51 36.69 -20.15
CA GLN B 96 12.99 35.40 -20.63
C GLN B 96 13.93 34.79 -19.60
N LEU B 97 13.64 33.56 -19.19
CA LEU B 97 14.44 32.84 -18.21
C LEU B 97 15.31 31.82 -18.91
N ILE B 98 16.48 31.54 -18.33
CA ILE B 98 17.48 30.68 -18.94
C ILE B 98 17.97 29.66 -17.91
N MET B 99 17.95 28.38 -18.28
CA MET B 99 18.51 27.31 -17.47
C MET B 99 19.20 26.31 -18.38
N GLN B 100 19.76 25.26 -17.77
CA GLN B 100 20.43 24.22 -18.53
C GLN B 100 19.43 23.41 -19.35
N LEU B 101 19.80 23.11 -20.58
CA LEU B 101 18.96 22.29 -21.45
C LEU B 101 19.13 20.82 -21.10
N MET B 102 18.01 20.12 -20.92
CA MET B 102 18.01 18.69 -20.64
C MET B 102 17.56 17.93 -21.88
N PRO B 103 18.48 17.39 -22.68
CA PRO B 103 18.07 16.75 -23.95
C PRO B 103 17.15 15.55 -23.76
N PHE B 104 17.10 14.96 -22.57
CA PHE B 104 16.20 13.84 -22.32
C PHE B 104 14.78 14.27 -21.98
N GLY B 105 14.56 15.57 -21.73
CA GLY B 105 13.22 16.04 -21.45
C GLY B 105 12.80 15.78 -20.01
N CYS B 106 11.49 15.82 -19.80
CA CYS B 106 10.94 15.59 -18.47
C CYS B 106 10.68 14.11 -18.24
N LEU B 107 10.60 13.74 -16.96
CA LEU B 107 10.47 12.33 -16.61
C LEU B 107 9.12 11.75 -17.02
N LEU B 108 8.08 12.59 -17.07
CA LEU B 108 6.77 12.11 -17.49
C LEU B 108 6.79 11.62 -18.93
N ASP B 109 7.38 12.42 -19.83
CA ASP B 109 7.49 11.98 -21.22
C ASP B 109 8.45 10.81 -21.36
N TYR B 110 9.48 10.74 -20.51
CA TYR B 110 10.44 9.66 -20.61
C TYR B 110 9.81 8.31 -20.29
N VAL B 111 9.04 8.24 -19.20
CA VAL B 111 8.43 6.97 -18.82
C VAL B 111 7.33 6.57 -19.79
N ARG B 112 6.67 7.54 -20.43
CA ARG B 112 5.66 7.21 -21.41
C ARG B 112 6.27 6.61 -22.67
N GLU B 113 7.42 7.15 -23.11
CA GLU B 113 8.07 6.65 -24.31
C GLU B 113 8.86 5.37 -24.07
N HIS B 114 9.27 5.09 -22.83
CA HIS B 114 9.99 3.88 -22.49
C HIS B 114 9.16 2.94 -21.61
N LYS B 115 7.83 3.01 -21.73
CA LYS B 115 6.97 2.28 -20.81
C LYS B 115 7.18 0.77 -20.89
N ASP B 116 7.65 0.27 -22.03
CA ASP B 116 7.91 -1.15 -22.21
C ASP B 116 9.38 -1.51 -22.01
N ASN B 117 10.19 -0.61 -21.45
CA ASN B 117 11.61 -0.88 -21.32
C ASN B 117 12.22 -0.31 -20.03
N ILE B 118 11.42 -0.03 -19.01
CA ILE B 118 11.89 0.54 -17.76
C ILE B 118 11.81 -0.51 -16.66
N GLY B 119 12.95 -0.79 -16.01
CA GLY B 119 12.98 -1.77 -14.95
C GLY B 119 12.74 -1.16 -13.58
N SER B 120 12.57 -2.04 -12.59
CA SER B 120 12.24 -1.60 -11.24
C SER B 120 13.37 -0.82 -10.60
N GLN B 121 14.61 -1.11 -11.00
CA GLN B 121 15.74 -0.41 -10.41
C GLN B 121 15.71 1.07 -10.76
N TYR B 122 15.38 1.40 -12.02
CA TYR B 122 15.30 2.80 -12.42
C TYR B 122 14.15 3.50 -11.73
N LEU B 123 12.98 2.84 -11.64
CA LEU B 123 11.81 3.48 -11.04
C LEU B 123 12.05 3.82 -9.57
N LEU B 124 12.60 2.88 -8.80
CA LEU B 124 12.81 3.13 -7.38
C LEU B 124 13.92 4.15 -7.13
N ASN B 125 14.95 4.15 -7.98
CA ASN B 125 16.01 5.15 -7.83
C ASN B 125 15.51 6.55 -8.17
N TRP B 126 14.58 6.67 -9.12
CA TRP B 126 13.99 7.97 -9.40
C TRP B 126 13.23 8.50 -8.19
N CYS B 127 12.48 7.64 -7.52
CA CYS B 127 11.77 8.04 -6.31
C CYS B 127 12.74 8.53 -5.24
N VAL B 128 13.87 7.85 -5.09
CA VAL B 128 14.89 8.29 -4.14
C VAL B 128 15.40 9.67 -4.51
N GLN B 129 15.75 9.86 -5.78
CA GLN B 129 16.34 11.13 -6.21
C GLN B 129 15.34 12.28 -6.10
N ILE B 130 14.07 12.04 -6.42
CA ILE B 130 13.06 13.08 -6.28
C ILE B 130 12.89 13.44 -4.81
N ALA B 131 12.88 12.44 -3.93
CA ALA B 131 12.78 12.70 -2.50
C ALA B 131 14.02 13.42 -1.98
N LYS B 132 15.19 13.10 -2.53
CA LYS B 132 16.40 13.84 -2.15
C LYS B 132 16.29 15.30 -2.53
N GLY B 133 15.78 15.59 -3.73
CA GLY B 133 15.60 16.97 -4.13
C GLY B 133 14.54 17.68 -3.30
N MET B 134 13.43 16.99 -3.01
CA MET B 134 12.40 17.61 -2.19
C MET B 134 12.89 17.85 -0.77
N ASN B 135 13.68 16.92 -0.24
CA ASN B 135 14.26 17.11 1.09
C ASN B 135 15.20 18.32 1.12
N TYR B 136 15.93 18.55 0.03
CA TYR B 136 16.77 19.74 -0.06
C TYR B 136 15.93 21.01 -0.03
N LEU B 137 14.84 21.03 -0.79
CA LEU B 137 13.97 22.20 -0.81
C LEU B 137 13.39 22.49 0.55
N GLU B 138 13.06 21.44 1.31
CA GLU B 138 12.55 21.64 2.66
C GLU B 138 13.61 22.25 3.57
N ASP B 139 14.87 21.78 3.46
CA ASP B 139 15.94 22.39 4.23
C ASP B 139 16.13 23.86 3.88
N ARG B 140 15.95 24.21 2.61
CA ARG B 140 16.04 25.61 2.18
C ARG B 140 14.78 26.40 2.49
N ARG B 141 13.80 25.78 3.16
CA ARG B 141 12.51 26.39 3.49
C ARG B 141 11.79 26.84 2.22
N LEU B 142 11.89 26.03 1.17
CA LEU B 142 11.24 26.32 -0.11
C LEU B 142 10.15 25.28 -0.35
N VAL B 143 8.92 25.74 -0.51
CA VAL B 143 7.80 24.88 -0.89
C VAL B 143 7.75 24.83 -2.41
N HIS B 144 7.63 23.62 -2.96
CA HIS B 144 7.63 23.46 -4.42
C HIS B 144 6.35 24.04 -5.02
N ARG B 145 5.20 23.53 -4.60
CA ARG B 145 3.84 23.90 -4.96
C ARG B 145 3.41 23.32 -6.31
N ASP B 146 4.32 22.72 -7.09
CA ASP B 146 3.94 22.20 -8.39
C ASP B 146 4.76 20.95 -8.72
N LEU B 147 4.96 20.09 -7.72
CA LEU B 147 5.69 18.85 -7.96
C LEU B 147 4.83 17.89 -8.77
N ALA B 148 5.41 17.38 -9.86
CA ALA B 148 4.73 16.44 -10.75
C ALA B 148 5.78 15.83 -11.65
N ALA B 149 5.43 14.71 -12.28
CA ALA B 149 6.35 14.05 -13.18
C ALA B 149 6.75 14.97 -14.33
N ARG B 150 5.85 15.87 -14.75
CA ARG B 150 6.18 16.82 -15.79
C ARG B 150 7.25 17.80 -15.32
N ASN B 151 7.34 18.05 -14.02
CA ASN B 151 8.33 18.97 -13.46
C ASN B 151 9.50 18.24 -12.81
N VAL B 152 9.78 17.02 -13.26
CA VAL B 152 11.02 16.31 -12.94
C VAL B 152 11.75 16.08 -14.26
N LEU B 153 12.92 16.69 -14.41
CA LEU B 153 13.68 16.65 -15.65
C LEU B 153 14.74 15.54 -15.60
N VAL B 154 14.97 14.92 -16.75
CA VAL B 154 15.93 13.83 -16.88
C VAL B 154 17.22 14.42 -17.43
N LYS B 155 18.27 14.47 -16.61
CA LYS B 155 19.59 14.87 -17.10
C LYS B 155 20.25 13.70 -17.85
N THR B 156 20.30 12.55 -17.21
CA THR B 156 20.58 11.25 -17.81
C THR B 156 19.53 10.30 -17.28
N PRO B 157 19.31 9.17 -17.95
CA PRO B 157 18.33 8.20 -17.42
C PRO B 157 18.57 7.83 -15.96
N GLN B 158 19.80 7.95 -15.49
CA GLN B 158 20.15 7.64 -14.10
C GLN B 158 20.14 8.86 -13.19
N HIS B 159 19.79 10.04 -13.70
CA HIS B 159 19.94 11.25 -12.91
C HIS B 159 18.82 12.21 -13.29
N VAL B 160 17.87 12.39 -12.37
CA VAL B 160 16.76 13.32 -12.58
C VAL B 160 16.89 14.46 -11.58
N LYS B 161 16.29 15.59 -11.93
CA LYS B 161 16.34 16.80 -11.11
C LYS B 161 14.98 17.48 -11.15
N ILE B 162 14.54 17.97 -9.99
CA ILE B 162 13.24 18.63 -9.90
C ILE B 162 13.38 20.08 -10.34
N THR B 163 12.31 20.61 -10.95
CA THR B 163 12.32 21.94 -11.53
C THR B 163 11.00 22.64 -11.25
N ASP B 164 10.95 23.92 -11.63
CA ASP B 164 9.72 24.72 -11.59
C ASP B 164 9.13 24.77 -10.18
N PHE B 165 9.98 24.96 -9.19
CA PHE B 165 9.56 25.06 -7.80
C PHE B 165 9.51 26.51 -7.36
N GLY B 166 8.81 26.75 -6.24
CA GLY B 166 8.83 28.06 -5.63
C GLY B 166 7.97 29.12 -6.28
N LEU B 167 7.00 28.74 -7.11
CA LEU B 167 6.18 29.72 -7.78
C LEU B 167 4.88 29.97 -7.00
N PRO B 186 -2.98 22.74 -11.07
CA PRO B 186 -2.80 21.29 -10.95
C PRO B 186 -3.62 20.68 -9.82
N ILE B 187 -4.96 20.73 -9.96
CA ILE B 187 -5.83 20.26 -8.90
C ILE B 187 -5.56 18.80 -8.58
N LYS B 188 -5.32 17.97 -9.60
CA LYS B 188 -5.17 16.55 -9.39
C LYS B 188 -3.84 16.15 -8.76
N TRP B 189 -2.92 17.10 -8.58
CA TRP B 189 -1.70 16.86 -7.82
C TRP B 189 -1.70 17.52 -6.44
N MET B 190 -2.70 18.34 -6.14
CA MET B 190 -2.70 19.14 -4.93
C MET B 190 -3.30 18.37 -3.76
N ALA B 191 -2.74 18.60 -2.57
CA ALA B 191 -3.34 18.07 -1.36
C ALA B 191 -4.72 18.70 -1.13
N LEU B 192 -5.52 18.03 -0.31
CA LEU B 192 -6.89 18.49 -0.07
C LEU B 192 -6.90 19.88 0.54
N GLU B 193 -5.99 20.15 1.48
CA GLU B 193 -5.93 21.48 2.08
C GLU B 193 -5.45 22.53 1.10
N SER B 194 -4.73 22.13 0.04
CA SER B 194 -4.38 23.07 -1.01
C SER B 194 -5.57 23.39 -1.90
N ILE B 195 -6.40 22.37 -2.18
CA ILE B 195 -7.60 22.60 -2.98
C ILE B 195 -8.60 23.46 -2.21
N LEU B 196 -8.83 23.13 -0.94
CA LEU B 196 -9.89 23.78 -0.20
C LEU B 196 -9.50 25.17 0.30
N HIS B 197 -8.27 25.33 0.77
CA HIS B 197 -7.86 26.57 1.42
C HIS B 197 -6.54 27.11 0.87
N ARG B 198 -6.12 26.64 -0.30
CA ARG B 198 -4.86 27.05 -0.94
C ARG B 198 -3.73 27.13 0.06
N ILE B 199 -3.64 26.12 0.92
CA ILE B 199 -2.59 26.02 1.93
C ILE B 199 -1.47 25.16 1.37
N TYR B 200 -0.29 25.76 1.19
CA TYR B 200 0.86 25.05 0.64
C TYR B 200 1.95 24.98 1.70
N THR B 201 2.29 23.76 2.11
CA THR B 201 3.38 23.49 3.03
C THR B 201 4.24 22.37 2.46
N HIS B 202 5.32 22.03 3.17
CA HIS B 202 6.13 20.89 2.76
C HIS B 202 5.36 19.59 2.87
N GLN B 203 4.35 19.53 3.75
CA GLN B 203 3.54 18.33 3.85
C GLN B 203 2.54 18.22 2.70
N SER B 204 2.12 19.35 2.12
CA SER B 204 1.33 19.29 0.90
C SER B 204 2.20 18.91 -0.30
N ASP B 205 3.50 19.24 -0.25
CA ASP B 205 4.42 18.76 -1.26
C ASP B 205 4.55 17.24 -1.22
N VAL B 206 4.46 16.66 -0.02
CA VAL B 206 4.50 15.20 0.13
C VAL B 206 3.32 14.57 -0.60
N TRP B 207 2.14 15.19 -0.51
CA TRP B 207 0.99 14.70 -1.27
C TRP B 207 1.29 14.70 -2.77
N SER B 208 1.82 15.81 -3.29
CA SER B 208 2.17 15.88 -4.70
C SER B 208 3.24 14.83 -5.05
N TYR B 209 4.18 14.60 -4.13
CA TYR B 209 5.17 13.55 -4.34
C TYR B 209 4.50 12.20 -4.53
N GLY B 210 3.47 11.91 -3.71
CA GLY B 210 2.75 10.65 -3.85
C GLY B 210 2.10 10.49 -5.21
N VAL B 211 1.49 11.55 -5.73
CA VAL B 211 0.89 11.50 -7.06
C VAL B 211 1.98 11.36 -8.12
N THR B 212 3.12 12.03 -7.92
CA THR B 212 4.23 11.91 -8.86
C THR B 212 4.74 10.47 -8.93
N VAL B 213 4.86 9.82 -7.77
CA VAL B 213 5.26 8.42 -7.73
C VAL B 213 4.22 7.56 -8.45
N TRP B 214 2.94 7.86 -8.25
CA TRP B 214 1.88 7.14 -8.96
C TRP B 214 2.01 7.30 -10.46
N GLU B 215 2.40 8.50 -10.92
CA GLU B 215 2.62 8.71 -12.34
C GLU B 215 3.72 7.82 -12.89
N LEU B 216 4.82 7.68 -12.13
CA LEU B 216 5.94 6.88 -12.61
C LEU B 216 5.58 5.40 -12.71
N MET B 217 4.87 4.90 -11.70
CA MET B 217 4.54 3.48 -11.62
CA MET B 217 4.59 3.47 -11.67
C MET B 217 3.44 3.07 -12.59
N THR B 218 2.64 4.03 -13.07
CA THR B 218 1.67 3.78 -14.11
C THR B 218 2.24 4.08 -15.49
N PHE B 219 3.55 4.36 -15.57
CA PHE B 219 4.23 4.68 -16.82
C PHE B 219 3.59 5.86 -17.53
N GLY B 220 3.22 6.87 -16.74
CA GLY B 220 2.74 8.13 -17.29
C GLY B 220 1.24 8.26 -17.42
N SER B 221 0.46 7.54 -16.63
CA SER B 221 -0.98 7.67 -16.69
C SER B 221 -1.43 9.01 -16.08
N LYS B 222 -2.52 9.53 -16.60
CA LYS B 222 -3.07 10.78 -16.09
C LYS B 222 -3.87 10.51 -14.82
N PRO B 223 -3.54 11.13 -13.70
CA PRO B 223 -4.27 10.84 -12.46
C PRO B 223 -5.70 11.34 -12.54
N TYR B 224 -6.62 10.55 -11.99
CA TYR B 224 -8.06 10.83 -12.06
C TYR B 224 -8.49 11.09 -13.50
N ASP B 225 -8.09 10.17 -14.39
CA ASP B 225 -8.40 10.32 -15.80
C ASP B 225 -9.91 10.30 -16.03
N GLY B 226 -10.42 11.31 -16.73
CA GLY B 226 -11.82 11.41 -17.02
C GLY B 226 -12.67 12.10 -15.97
N ILE B 227 -12.16 12.28 -14.76
CA ILE B 227 -12.90 12.91 -13.67
C ILE B 227 -12.74 14.43 -13.75
N PRO B 228 -13.82 15.20 -13.72
CA PRO B 228 -13.68 16.67 -13.76
C PRO B 228 -12.94 17.19 -12.54
N ALA B 229 -12.05 18.15 -12.78
CA ALA B 229 -11.27 18.73 -11.69
C ALA B 229 -12.16 19.36 -10.62
N SER B 230 -13.34 19.85 -11.02
CA SER B 230 -14.26 20.45 -10.07
C SER B 230 -14.81 19.45 -9.06
N GLU B 231 -14.64 18.15 -9.30
CA GLU B 231 -15.15 17.11 -8.41
C GLU B 231 -14.06 16.42 -7.60
N ILE B 232 -12.78 16.76 -7.82
CA ILE B 232 -11.70 16.05 -7.15
C ILE B 232 -11.79 16.22 -5.64
N SER B 233 -12.01 17.45 -5.18
CA SER B 233 -12.10 17.69 -3.74
C SER B 233 -13.20 16.87 -3.11
N SER B 234 -14.32 16.69 -3.82
CA SER B 234 -15.43 15.90 -3.30
C SER B 234 -15.02 14.44 -3.11
N ILE B 235 -14.35 13.85 -4.11
CA ILE B 235 -14.01 12.43 -4.03
C ILE B 235 -12.95 12.17 -2.96
N LEU B 236 -12.04 13.13 -2.72
CA LEU B 236 -11.02 12.93 -1.69
C LEU B 236 -11.63 12.96 -0.30
N GLU B 237 -12.52 13.92 -0.04
CA GLU B 237 -13.22 13.97 1.24
C GLU B 237 -13.96 12.68 1.52
N LYS B 238 -14.52 12.07 0.47
CA LYS B 238 -15.31 10.86 0.54
C LYS B 238 -14.45 9.62 0.74
N GLY B 239 -13.13 9.75 0.65
CA GLY B 239 -12.23 8.68 1.02
C GLY B 239 -11.57 7.94 -0.13
N GLU B 240 -11.78 8.35 -1.37
CA GLU B 240 -11.23 7.60 -2.49
C GLU B 240 -9.88 8.18 -2.90
N ARG B 241 -9.01 7.31 -3.37
CA ARG B 241 -7.64 7.67 -3.73
C ARG B 241 -7.31 7.08 -5.09
N LEU B 242 -6.14 7.42 -5.60
CA LEU B 242 -5.67 6.80 -6.82
C LEU B 242 -5.50 5.30 -6.61
N PRO B 243 -5.85 4.49 -7.59
CA PRO B 243 -5.82 3.04 -7.38
C PRO B 243 -4.41 2.48 -7.42
N GLN B 244 -4.29 1.26 -6.90
CA GLN B 244 -3.00 0.58 -6.83
C GLN B 244 -2.52 0.21 -8.23
N PRO B 245 -1.36 0.68 -8.67
CA PRO B 245 -0.85 0.27 -9.98
C PRO B 245 -0.53 -1.22 -9.98
N PRO B 246 -0.74 -1.91 -11.10
CA PRO B 246 -0.50 -3.36 -11.11
C PRO B 246 0.95 -3.74 -10.87
N ILE B 247 1.92 -2.91 -11.28
CA ILE B 247 3.32 -3.24 -11.03
C ILE B 247 3.74 -2.92 -9.61
N CYS B 248 2.88 -2.25 -8.84
CA CYS B 248 3.20 -1.85 -7.48
C CYS B 248 2.81 -2.94 -6.50
N THR B 249 3.72 -3.25 -5.59
CA THR B 249 3.34 -4.07 -4.46
C THR B 249 2.58 -3.23 -3.45
N ILE B 250 1.95 -3.91 -2.49
CA ILE B 250 1.20 -3.19 -1.46
C ILE B 250 2.14 -2.30 -0.68
N ASP B 251 3.40 -2.71 -0.51
CA ASP B 251 4.37 -1.92 0.24
C ASP B 251 4.55 -0.54 -0.38
N VAL B 252 4.63 -0.47 -1.71
CA VAL B 252 4.82 0.80 -2.39
C VAL B 252 3.52 1.60 -2.40
N TYR B 253 2.39 0.93 -2.63
CA TYR B 253 1.10 1.62 -2.66
C TYR B 253 0.77 2.22 -1.30
N MET B 254 1.19 1.55 -0.23
CA MET B 254 0.86 2.03 1.14
C MET B 254 1.61 3.34 1.39
N ILE B 255 2.81 3.49 0.83
CA ILE B 255 3.52 4.77 0.92
C ILE B 255 2.73 5.87 0.23
N MET B 256 2.28 5.60 -1.00
CA MET B 256 1.46 6.57 -1.73
C MET B 256 0.18 6.91 -0.98
N ARG B 257 -0.45 5.90 -0.38
CA ARG B 257 -1.65 6.16 0.42
C ARG B 257 -1.32 6.98 1.66
N LYS B 258 -0.14 6.78 2.23
CA LYS B 258 0.27 7.58 3.38
C LYS B 258 0.56 9.02 2.98
N CYS B 259 1.02 9.24 1.74
CA CYS B 259 1.18 10.60 1.25
C CYS B 259 -0.16 11.31 1.09
N TRP B 260 -1.26 10.57 1.00
CA TRP B 260 -2.57 11.14 0.72
C TRP B 260 -3.50 11.09 1.93
N MET B 261 -2.94 11.06 3.13
CA MET B 261 -3.76 11.12 4.33
C MET B 261 -4.23 12.55 4.57
N ILE B 262 -5.46 12.68 5.08
CA ILE B 262 -6.07 14.00 5.24
C ILE B 262 -5.26 14.85 6.22
N ASP B 263 -4.84 14.25 7.33
CA ASP B 263 -4.00 14.95 8.30
C ASP B 263 -2.60 15.12 7.71
N ALA B 264 -2.21 16.37 7.44
CA ALA B 264 -0.93 16.63 6.80
C ALA B 264 0.23 16.12 7.65
N ASP B 265 0.13 16.27 8.97
CA ASP B 265 1.21 15.84 9.85
C ASP B 265 1.31 14.32 9.98
N SER B 266 0.33 13.57 9.46
CA SER B 266 0.42 12.12 9.42
C SER B 266 1.15 11.61 8.19
N ARG B 267 1.28 12.45 7.16
CA ARG B 267 2.00 12.05 5.97
C ARG B 267 3.49 11.90 6.27
N PRO B 268 4.19 11.03 5.56
CA PRO B 268 5.62 10.85 5.80
C PRO B 268 6.42 12.09 5.47
N LYS B 269 7.60 12.18 6.07
CA LYS B 269 8.55 13.24 5.75
C LYS B 269 9.45 12.80 4.60
N PHE B 270 9.96 13.79 3.86
CA PHE B 270 10.81 13.47 2.73
C PHE B 270 12.06 12.71 3.15
N ARG B 271 12.60 13.03 4.33
CA ARG B 271 13.75 12.28 4.83
C ARG B 271 13.38 10.81 5.08
N GLU B 272 12.16 10.56 5.55
CA GLU B 272 11.71 9.18 5.70
C GLU B 272 11.48 8.52 4.34
N LEU B 273 11.01 9.28 3.35
CA LEU B 273 10.79 8.71 2.03
C LEU B 273 12.10 8.32 1.37
N ILE B 274 13.17 9.10 1.60
CA ILE B 274 14.47 8.75 1.07
C ILE B 274 14.92 7.40 1.61
N ILE B 275 14.84 7.22 2.93
CA ILE B 275 15.28 5.98 3.56
C ILE B 275 14.45 4.80 3.06
N GLU B 276 13.12 4.96 3.05
CA GLU B 276 12.26 3.83 2.70
C GLU B 276 12.44 3.41 1.24
N PHE B 277 12.48 4.39 0.33
CA PHE B 277 12.69 4.06 -1.07
C PHE B 277 14.10 3.57 -1.34
N SER B 278 15.09 4.03 -0.56
CA SER B 278 16.44 3.49 -0.69
C SER B 278 16.48 2.04 -0.25
N LYS B 279 15.76 1.69 0.82
CA LYS B 279 15.66 0.30 1.23
C LYS B 279 15.07 -0.55 0.13
N MET B 280 14.00 -0.07 -0.52
CA MET B 280 13.37 -0.84 -1.59
C MET B 280 14.27 -0.91 -2.82
N ALA B 281 15.08 0.12 -3.07
CA ALA B 281 15.99 0.09 -4.21
C ALA B 281 17.07 -0.96 -4.07
N ARG B 282 17.33 -1.46 -2.86
CA ARG B 282 18.32 -2.51 -2.67
C ARG B 282 17.76 -3.91 -2.95
N ASP B 283 16.45 -4.03 -3.19
CA ASP B 283 15.85 -5.32 -3.58
C ASP B 283 14.63 -5.02 -4.44
N PRO B 284 14.85 -4.52 -5.66
CA PRO B 284 13.74 -3.89 -6.40
C PRO B 284 12.67 -4.86 -6.85
N GLN B 285 13.04 -6.08 -7.24
CA GLN B 285 12.04 -7.01 -7.76
C GLN B 285 11.10 -7.51 -6.68
N ARG B 286 11.39 -7.24 -5.41
CA ARG B 286 10.46 -7.56 -4.34
C ARG B 286 9.30 -6.56 -4.28
N TYR B 287 9.56 -5.30 -4.59
CA TYR B 287 8.58 -4.24 -4.39
C TYR B 287 7.91 -3.78 -5.67
N LEU B 288 8.49 -4.09 -6.82
CA LEU B 288 7.86 -3.80 -8.11
C LEU B 288 7.82 -5.09 -8.92
N VAL B 289 6.66 -5.33 -9.54
CA VAL B 289 6.43 -6.55 -10.31
C VAL B 289 6.31 -6.12 -11.76
N ILE B 290 7.42 -6.19 -12.49
CA ILE B 290 7.49 -5.71 -13.87
C ILE B 290 7.88 -6.88 -14.76
N GLN B 291 7.15 -7.06 -15.86
CA GLN B 291 7.45 -8.14 -16.79
C GLN B 291 8.76 -7.87 -17.53
N GLY B 292 9.66 -8.85 -17.51
CA GLY B 292 10.95 -8.72 -18.16
C GLY B 292 11.99 -7.99 -17.35
N ASP B 293 11.75 -7.80 -16.04
CA ASP B 293 12.65 -7.00 -15.21
C ASP B 293 14.06 -7.58 -15.16
N GLU B 294 14.17 -8.91 -15.18
CA GLU B 294 15.50 -9.56 -15.08
C GLU B 294 16.35 -9.17 -16.28
N ARG B 295 15.74 -9.12 -17.46
CA ARG B 295 16.54 -8.84 -18.68
C ARG B 295 16.64 -7.33 -18.85
N MET B 296 16.10 -6.57 -17.89
CA MET B 296 16.29 -5.11 -17.94
C MET B 296 17.66 -4.85 -17.32
N HIS B 297 17.97 -3.63 -16.88
CA HIS B 297 19.35 -3.42 -16.36
C HIS B 297 19.70 -1.98 -16.03
N LEU B 298 20.31 -1.75 -14.87
CA LEU B 298 20.84 -0.40 -14.56
C LEU B 298 22.16 -0.29 -15.34
N PRO B 299 22.72 0.90 -15.58
CA PRO B 299 23.92 0.98 -16.39
C PRO B 299 25.08 0.29 -15.68
N SER B 300 26.05 -0.19 -16.44
CA SER B 300 27.25 -0.79 -15.83
C SER B 300 28.12 0.33 -15.28
N PRO B 301 29.06 0.05 -14.36
CA PRO B 301 29.97 1.09 -13.93
C PRO B 301 30.62 1.73 -15.16
N THR B 302 30.94 0.92 -16.16
CA THR B 302 31.56 1.46 -17.37
C THR B 302 30.62 2.44 -18.06
N ASP B 303 29.33 2.12 -18.09
CA ASP B 303 28.35 2.97 -18.74
C ASP B 303 28.11 4.25 -17.96
N SER B 304 28.11 4.16 -16.62
CA SER B 304 27.82 5.32 -15.79
C SER B 304 28.94 6.35 -15.90
N ASN B 305 30.19 5.88 -16.00
CA ASN B 305 31.32 6.79 -16.17
C ASN B 305 31.24 7.48 -17.53
N PHE B 306 30.78 6.78 -18.55
CA PHE B 306 30.67 7.38 -19.88
C PHE B 306 29.61 8.47 -19.91
N TYR B 307 28.43 8.19 -19.34
CA TYR B 307 27.39 9.22 -19.25
C TYR B 307 27.88 10.44 -18.48
N ARG B 308 28.59 10.21 -17.38
CA ARG B 308 29.05 11.33 -16.55
C ARG B 308 30.02 12.22 -17.31
N ALA B 309 31.01 11.62 -17.97
CA ALA B 309 32.06 12.41 -18.62
C ALA B 309 31.50 13.25 -19.76
N LEU B 310 30.43 12.79 -20.40
CA LEU B 310 29.86 13.51 -21.54
C LEU B 310 28.75 14.48 -21.15
N MET B 311 27.89 14.10 -20.21
CA MET B 311 26.69 14.88 -19.92
C MET B 311 26.52 15.30 -18.47
N ASP B 312 27.22 14.67 -17.52
CA ASP B 312 26.80 14.80 -16.12
C ASP B 312 28.06 14.76 -15.25
N GLU B 313 28.77 15.88 -15.22
CA GLU B 313 30.04 15.97 -14.49
C GLU B 313 29.87 16.46 -13.06
N GLU B 314 28.65 16.68 -12.60
CA GLU B 314 28.43 17.19 -11.26
C GLU B 314 28.55 16.06 -10.23
N ASP B 315 28.61 16.46 -8.96
CA ASP B 315 28.93 15.61 -7.83
C ASP B 315 28.17 14.28 -7.83
N MET B 316 26.98 14.28 -7.25
CA MET B 316 26.13 13.07 -7.13
C MET B 316 26.89 11.89 -6.54
N ASN C 9 -17.26 -37.99 22.62
CA ASN C 9 -18.71 -38.10 22.63
C ASN C 9 -19.24 -38.24 21.19
N GLN C 10 -19.66 -39.46 20.84
CA GLN C 10 -20.16 -39.72 19.50
C GLN C 10 -21.43 -38.95 19.19
N ALA C 11 -22.22 -38.61 20.23
CA ALA C 11 -23.49 -37.93 20.03
C ALA C 11 -23.34 -36.51 19.50
N LEU C 12 -22.11 -35.99 19.39
CA LEU C 12 -21.90 -34.63 18.91
C LEU C 12 -21.79 -34.55 17.40
N LEU C 13 -21.60 -35.67 16.71
CA LEU C 13 -21.54 -35.72 15.25
C LEU C 13 -22.70 -36.58 14.76
N ARG C 14 -23.63 -35.96 14.05
CA ARG C 14 -24.78 -36.68 13.50
C ARG C 14 -24.42 -37.30 12.16
N ILE C 15 -24.69 -38.59 12.02
CA ILE C 15 -24.50 -39.30 10.76
C ILE C 15 -25.78 -39.16 9.96
N LEU C 16 -25.71 -38.49 8.82
CA LEU C 16 -26.89 -38.16 8.02
C LEU C 16 -27.05 -39.12 6.86
N LYS C 17 -28.30 -39.29 6.45
CA LYS C 17 -28.62 -39.97 5.21
C LYS C 17 -28.68 -38.95 4.10
N GLU C 18 -28.32 -39.39 2.89
CA GLU C 18 -28.41 -38.52 1.72
C GLU C 18 -29.83 -38.01 1.53
N THR C 19 -30.83 -38.81 1.88
CA THR C 19 -32.22 -38.52 1.55
C THR C 19 -32.82 -37.45 2.45
N GLU C 20 -32.14 -37.06 3.52
CA GLU C 20 -32.69 -36.10 4.47
C GLU C 20 -32.11 -34.70 4.34
N PHE C 21 -31.28 -34.45 3.32
CA PHE C 21 -30.80 -33.10 3.06
C PHE C 21 -30.57 -32.94 1.56
N LYS C 22 -30.59 -31.68 1.12
CA LYS C 22 -30.45 -31.35 -0.29
C LYS C 22 -29.59 -30.12 -0.45
N LYS C 23 -28.62 -30.18 -1.37
CA LYS C 23 -27.87 -28.99 -1.74
C LYS C 23 -28.74 -28.10 -2.62
N ILE C 24 -28.72 -26.79 -2.34
CA ILE C 24 -29.62 -25.84 -2.96
C ILE C 24 -28.88 -24.81 -3.81
N LYS C 25 -27.78 -24.27 -3.29
CA LYS C 25 -27.06 -23.20 -3.97
C LYS C 25 -25.60 -23.23 -3.55
N VAL C 26 -24.71 -23.12 -4.52
CA VAL C 26 -23.28 -23.12 -4.21
C VAL C 26 -22.92 -21.79 -3.57
N LEU C 27 -21.98 -21.82 -2.62
CA LEU C 27 -21.51 -20.63 -1.93
C LEU C 27 -20.05 -20.30 -2.21
N GLY C 28 -19.25 -21.31 -2.51
CA GLY C 28 -17.85 -21.11 -2.81
C GLY C 28 -17.12 -22.43 -2.78
N SER C 29 -15.82 -22.35 -3.06
CA SER C 29 -15.00 -23.55 -3.12
C SER C 29 -13.61 -23.26 -2.57
N GLY C 30 -12.90 -24.34 -2.28
CA GLY C 30 -11.51 -24.26 -1.86
C GLY C 30 -10.76 -25.44 -2.45
N ALA C 31 -9.94 -26.08 -1.64
CA ALA C 31 -9.10 -27.19 -2.10
C ALA C 31 -9.56 -28.52 -1.54
N PHE C 32 -10.24 -28.49 -0.40
CA PHE C 32 -10.81 -29.69 0.20
C PHE C 32 -12.21 -29.98 -0.28
N GLY C 33 -12.93 -29.00 -0.81
CA GLY C 33 -14.23 -29.27 -1.37
C GLY C 33 -14.99 -27.98 -1.66
N THR C 34 -16.27 -28.17 -1.98
CA THR C 34 -17.16 -27.09 -2.34
C THR C 34 -18.22 -26.92 -1.26
N VAL C 35 -18.49 -25.69 -0.88
CA VAL C 35 -19.46 -25.37 0.16
C VAL C 35 -20.77 -24.97 -0.51
N TYR C 36 -21.87 -25.57 -0.08
CA TYR C 36 -23.19 -25.28 -0.62
C TYR C 36 -24.11 -24.80 0.49
N LYS C 37 -25.06 -23.96 0.12
CA LYS C 37 -26.21 -23.70 0.97
C LYS C 37 -27.23 -24.81 0.76
N GLY C 38 -27.66 -25.45 1.85
CA GLY C 38 -28.53 -26.59 1.78
C GLY C 38 -29.72 -26.47 2.72
N LEU C 39 -30.57 -27.50 2.67
CA LEU C 39 -31.75 -27.58 3.50
C LEU C 39 -31.80 -28.95 4.15
N TRP C 40 -32.00 -28.99 5.48
CA TRP C 40 -32.20 -30.23 6.20
C TRP C 40 -33.69 -30.42 6.48
N ILE C 41 -34.22 -31.53 6.00
CA ILE C 41 -35.63 -31.86 6.18
C ILE C 41 -35.71 -33.00 7.20
N PRO C 42 -36.01 -32.72 8.46
CA PRO C 42 -36.12 -33.81 9.45
C PRO C 42 -37.15 -34.85 9.02
N GLU C 43 -36.85 -36.12 9.30
CA GLU C 43 -37.72 -37.19 8.84
C GLU C 43 -39.03 -37.08 9.58
N GLY C 44 -40.13 -37.24 8.86
CA GLY C 44 -41.46 -37.09 9.45
C GLY C 44 -41.94 -35.67 9.64
N GLU C 45 -41.17 -34.68 9.21
CA GLU C 45 -41.52 -33.28 9.37
C GLU C 45 -41.68 -32.61 8.02
N LYS C 46 -42.18 -31.38 8.05
CA LYS C 46 -42.46 -30.60 6.85
C LYS C 46 -41.67 -29.30 6.75
N VAL C 47 -40.66 -29.10 7.59
CA VAL C 47 -39.91 -27.84 7.65
C VAL C 47 -38.60 -27.95 6.88
N LYS C 48 -38.05 -26.80 6.53
CA LYS C 48 -36.80 -26.68 5.80
C LYS C 48 -35.86 -25.84 6.65
N ILE C 49 -34.80 -26.45 7.17
CA ILE C 49 -33.84 -25.80 8.06
C ILE C 49 -32.58 -25.55 7.25
N PRO C 50 -32.18 -24.30 7.04
CA PRO C 50 -30.97 -24.04 6.24
C PRO C 50 -29.73 -24.56 6.94
N VAL C 51 -28.85 -25.18 6.14
CA VAL C 51 -27.57 -25.69 6.62
C VAL C 51 -26.51 -25.28 5.62
N ALA C 52 -25.25 -25.44 6.04
CA ALA C 52 -24.14 -25.37 5.12
C ALA C 52 -23.66 -26.79 4.85
N ILE C 53 -23.37 -27.09 3.60
CA ILE C 53 -22.94 -28.46 3.22
C ILE C 53 -21.57 -28.38 2.53
N LYS C 54 -20.62 -29.21 2.95
CA LYS C 54 -19.29 -29.25 2.31
C LYS C 54 -19.14 -30.59 1.61
N GLU C 55 -19.18 -30.60 0.28
CA GLU C 55 -18.96 -31.86 -0.45
C GLU C 55 -17.48 -31.91 -0.84
N LEU C 56 -16.82 -33.01 -0.53
CA LEU C 56 -15.39 -33.12 -0.78
C LEU C 56 -15.11 -33.16 -2.28
N ARG C 57 -13.88 -32.81 -2.65
CA ARG C 57 -13.53 -32.72 -4.07
C ARG C 57 -13.63 -34.07 -4.74
N GLU C 58 -12.87 -35.05 -4.25
CA GLU C 58 -12.84 -36.39 -4.81
C GLU C 58 -13.54 -37.35 -3.85
N ALA C 59 -14.07 -38.44 -4.40
CA ALA C 59 -14.70 -39.46 -3.58
C ALA C 59 -13.66 -40.21 -2.74
N THR C 60 -14.16 -40.97 -1.76
CA THR C 60 -13.33 -41.69 -0.81
C THR C 60 -13.97 -43.04 -0.51
N SER C 61 -13.16 -43.94 0.06
CA SER C 61 -13.58 -45.28 0.47
C SER C 61 -13.48 -45.48 1.98
N PRO C 62 -14.15 -46.55 2.53
CA PRO C 62 -14.11 -46.88 3.96
C PRO C 62 -12.88 -46.55 4.81
N LYS C 63 -11.67 -46.96 4.41
CA LYS C 63 -10.51 -46.77 5.28
C LYS C 63 -10.19 -45.29 5.46
N ALA C 64 -10.15 -44.54 4.37
CA ALA C 64 -9.94 -43.10 4.51
C ALA C 64 -11.09 -42.43 5.25
N ASN C 65 -12.30 -42.99 5.14
CA ASN C 65 -13.45 -42.41 5.84
C ASN C 65 -13.32 -42.53 7.35
N LYS C 66 -12.67 -43.58 7.85
CA LYS C 66 -12.41 -43.68 9.28
C LYS C 66 -11.49 -42.56 9.74
N GLU C 67 -10.47 -42.26 8.93
CA GLU C 67 -9.60 -41.11 9.22
C GLU C 67 -10.41 -39.82 9.22
N ILE C 68 -11.37 -39.69 8.30
CA ILE C 68 -12.25 -38.54 8.28
C ILE C 68 -13.05 -38.47 9.58
N LEU C 69 -13.69 -39.59 9.95
CA LEU C 69 -14.52 -39.61 11.15
C LEU C 69 -13.69 -39.33 12.40
N ASP C 70 -12.47 -39.86 12.46
CA ASP C 70 -11.63 -39.64 13.64
C ASP C 70 -11.40 -38.16 13.88
N GLU C 71 -11.14 -37.39 12.82
CA GLU C 71 -11.01 -35.95 12.96
C GLU C 71 -12.36 -35.26 13.07
N ALA C 72 -13.40 -35.80 12.42
CA ALA C 72 -14.71 -35.17 12.46
C ALA C 72 -15.27 -35.14 13.88
N TYR C 73 -15.06 -36.22 14.64
CA TYR C 73 -15.53 -36.25 16.02
C TYR C 73 -14.84 -35.18 16.86
N VAL C 74 -13.57 -34.91 16.59
CA VAL C 74 -12.85 -33.87 17.33
C VAL C 74 -13.42 -32.50 16.99
N MET C 75 -13.68 -32.25 15.71
CA MET C 75 -14.22 -30.96 15.28
C MET C 75 -15.68 -30.78 15.70
N ALA C 76 -16.37 -31.86 16.03
CA ALA C 76 -17.72 -31.80 16.56
C ALA C 76 -17.75 -31.62 18.07
N SER C 77 -16.59 -31.62 18.74
CA SER C 77 -16.52 -31.57 20.19
C SER C 77 -16.16 -30.20 20.74
N VAL C 78 -15.91 -29.22 19.88
CA VAL C 78 -15.55 -27.88 20.36
C VAL C 78 -16.79 -27.20 20.92
N ASP C 79 -16.59 -26.41 21.98
CA ASP C 79 -17.70 -25.69 22.63
C ASP C 79 -17.14 -24.35 23.11
N ASN C 80 -17.17 -23.36 22.21
CA ASN C 80 -16.70 -22.01 22.50
C ASN C 80 -17.46 -21.05 21.59
N PRO C 81 -17.88 -19.89 22.11
CA PRO C 81 -18.68 -18.97 21.28
C PRO C 81 -17.99 -18.51 20.01
N HIS C 82 -16.66 -18.54 19.95
CA HIS C 82 -15.93 -18.02 18.81
C HIS C 82 -15.23 -19.12 18.01
N VAL C 83 -15.69 -20.36 18.14
CA VAL C 83 -15.16 -21.50 17.41
C VAL C 83 -16.35 -22.26 16.82
N CYS C 84 -16.31 -22.48 15.50
CA CYS C 84 -17.38 -23.23 14.85
C CYS C 84 -17.30 -24.72 15.20
N ARG C 85 -18.46 -25.34 15.30
CA ARG C 85 -18.57 -26.77 15.60
C ARG C 85 -19.10 -27.49 14.38
N LEU C 86 -18.46 -28.61 14.03
CA LEU C 86 -18.99 -29.48 12.99
C LEU C 86 -20.22 -30.21 13.52
N LEU C 87 -21.28 -30.25 12.72
CA LEU C 87 -22.57 -30.76 13.18
C LEU C 87 -22.87 -32.15 12.65
N GLY C 88 -22.55 -32.43 11.38
CA GLY C 88 -22.95 -33.71 10.82
C GLY C 88 -22.08 -34.12 9.67
N ILE C 89 -22.30 -35.36 9.24
CA ILE C 89 -21.54 -35.97 8.14
C ILE C 89 -22.45 -36.97 7.45
N CYS C 90 -22.37 -37.00 6.12
CA CYS C 90 -23.08 -37.98 5.32
C CYS C 90 -22.02 -38.79 4.59
N LEU C 91 -21.93 -40.07 4.91
CA LEU C 91 -20.87 -40.89 4.31
C LEU C 91 -21.33 -41.42 2.96
N THR C 92 -21.51 -40.49 2.03
CA THR C 92 -21.78 -40.90 0.68
C THR C 92 -20.46 -41.17 -0.01
N SER C 93 -20.52 -41.63 -1.26
CA SER C 93 -19.30 -41.86 -2.03
C SER C 93 -18.40 -40.63 -1.95
N THR C 94 -18.93 -39.49 -2.36
CA THR C 94 -18.31 -38.21 -2.08
C THR C 94 -18.86 -37.74 -0.73
N VAL C 95 -17.98 -37.66 0.27
CA VAL C 95 -18.43 -37.38 1.63
C VAL C 95 -18.96 -35.96 1.72
N GLN C 96 -20.05 -35.79 2.47
CA GLN C 96 -20.67 -34.47 2.65
C GLN C 96 -20.70 -34.14 4.13
N LEU C 97 -20.13 -33.01 4.49
CA LEU C 97 -20.11 -32.52 5.87
C LEU C 97 -21.09 -31.36 6.02
N ILE C 98 -21.66 -31.23 7.21
CA ILE C 98 -22.74 -30.28 7.48
C ILE C 98 -22.41 -29.50 8.74
N MET C 99 -22.54 -28.17 8.65
CA MET C 99 -22.40 -27.29 9.80
C MET C 99 -23.44 -26.18 9.70
N GLN C 100 -23.42 -25.28 10.67
CA GLN C 100 -24.38 -24.18 10.68
C GLN C 100 -24.09 -23.22 9.52
N LEU C 101 -25.17 -22.77 8.88
CA LEU C 101 -25.03 -21.81 7.79
C LEU C 101 -24.81 -20.42 8.37
N MET C 102 -23.79 -19.73 7.88
CA MET C 102 -23.49 -18.36 8.32
C MET C 102 -23.87 -17.41 7.19
N PRO C 103 -25.06 -16.79 7.24
CA PRO C 103 -25.54 -16.01 6.09
C PRO C 103 -24.67 -14.82 5.72
N PHE C 104 -23.84 -14.33 6.64
CA PHE C 104 -22.99 -13.19 6.31
C PHE C 104 -21.71 -13.58 5.60
N GLY C 105 -21.38 -14.87 5.56
CA GLY C 105 -20.18 -15.33 4.87
C GLY C 105 -18.93 -15.18 5.71
N CYS C 106 -17.80 -15.19 5.02
CA CYS C 106 -16.51 -15.11 5.70
C CYS C 106 -16.13 -13.65 5.94
N LEU C 107 -15.24 -13.45 6.93
CA LEU C 107 -14.88 -12.10 7.35
C LEU C 107 -14.06 -11.38 6.28
N LEU C 108 -13.29 -12.12 5.48
CA LEU C 108 -12.51 -11.50 4.43
C LEU C 108 -13.41 -10.83 3.39
N ASP C 109 -14.44 -11.55 2.94
CA ASP C 109 -15.38 -10.96 1.98
C ASP C 109 -16.20 -9.84 2.63
N TYR C 110 -16.50 -9.96 3.92
CA TYR C 110 -17.28 -8.93 4.59
C TYR C 110 -16.53 -7.60 4.63
N VAL C 111 -15.24 -7.64 5.02
CA VAL C 111 -14.49 -6.40 5.12
C VAL C 111 -14.21 -5.82 3.74
N ARG C 112 -14.14 -6.66 2.70
CA ARG C 112 -13.94 -6.15 1.35
C ARG C 112 -15.18 -5.43 0.85
N GLU C 113 -16.37 -5.97 1.16
CA GLU C 113 -17.61 -5.36 0.70
C GLU C 113 -18.04 -4.17 1.55
N HIS C 114 -17.58 -4.10 2.81
CA HIS C 114 -17.91 -2.99 3.69
C HIS C 114 -16.69 -2.12 4.00
N LYS C 115 -15.70 -2.11 3.10
CA LYS C 115 -14.43 -1.46 3.40
C LYS C 115 -14.59 0.04 3.68
N ASP C 116 -15.64 0.66 3.15
CA ASP C 116 -15.89 2.07 3.35
C ASP C 116 -16.91 2.34 4.46
N ASN C 117 -17.23 1.34 5.28
CA ASN C 117 -18.23 1.51 6.32
C ASN C 117 -17.87 0.75 7.60
N ILE C 118 -16.60 0.40 7.79
CA ILE C 118 -16.15 -0.35 8.96
C ILE C 118 -15.32 0.57 9.84
N GLY C 119 -15.74 0.71 11.10
CA GLY C 119 -15.04 1.55 12.05
C GLY C 119 -14.01 0.79 12.87
N SER C 120 -13.22 1.55 13.63
CA SER C 120 -12.16 0.95 14.43
C SER C 120 -12.71 0.05 15.52
N GLN C 121 -13.95 0.30 15.96
CA GLN C 121 -14.54 -0.52 17.01
C GLN C 121 -14.73 -1.96 16.53
N TYR C 122 -15.29 -2.12 15.33
CA TYR C 122 -15.53 -3.45 14.79
C TYR C 122 -14.22 -4.20 14.53
N LEU C 123 -13.22 -3.52 13.98
CA LEU C 123 -11.96 -4.17 13.67
C LEU C 123 -11.30 -4.71 14.93
N LEU C 124 -11.21 -3.88 15.97
CA LEU C 124 -10.59 -4.31 17.21
C LEU C 124 -11.43 -5.35 17.93
N ASN C 125 -12.77 -5.26 17.82
CA ASN C 125 -13.62 -6.26 18.44
C ASN C 125 -13.45 -7.62 17.77
N TRP C 126 -13.26 -7.62 16.45
CA TRP C 126 -13.01 -8.86 15.72
C TRP C 126 -11.68 -9.50 16.13
N CYS C 127 -10.63 -8.69 16.29
CA CYS C 127 -9.34 -9.22 16.71
C CYS C 127 -9.44 -9.91 18.06
N VAL C 128 -10.18 -9.32 19.00
CA VAL C 128 -10.38 -9.94 20.30
C VAL C 128 -11.07 -11.29 20.14
N GLN C 129 -12.15 -11.33 19.35
CA GLN C 129 -12.92 -12.56 19.21
C GLN C 129 -12.11 -13.65 18.52
N ILE C 130 -11.32 -13.30 17.50
CA ILE C 130 -10.50 -14.28 16.81
C ILE C 130 -9.44 -14.85 17.76
N ALA C 131 -8.82 -13.99 18.56
CA ALA C 131 -7.85 -14.46 19.54
C ALA C 131 -8.53 -15.32 20.60
N LYS C 132 -9.76 -14.98 20.98
CA LYS C 132 -10.50 -15.81 21.93
C LYS C 132 -10.73 -17.21 21.37
N GLY C 133 -11.11 -17.31 20.10
CA GLY C 133 -11.30 -18.62 19.51
C GLY C 133 -10.00 -19.39 19.39
N MET C 134 -8.92 -18.72 19.00
CA MET C 134 -7.64 -19.40 18.87
C MET C 134 -7.12 -19.86 20.23
N ASN C 135 -7.31 -19.05 21.27
CA ASN C 135 -6.89 -19.47 22.60
C ASN C 135 -7.64 -20.72 23.03
N TYR C 136 -8.92 -20.83 22.67
CA TYR C 136 -9.66 -22.05 22.96
C TYR C 136 -9.07 -23.25 22.24
N LEU C 137 -8.72 -23.09 20.96
CA LEU C 137 -8.12 -24.20 20.22
C LEU C 137 -6.81 -24.64 20.85
N GLU C 138 -6.02 -23.69 21.35
CA GLU C 138 -4.82 -24.05 22.09
C GLU C 138 -5.16 -24.78 23.38
N ASP C 139 -6.22 -24.33 24.05
CA ASP C 139 -6.67 -25.00 25.27
C ASP C 139 -7.02 -26.45 25.00
N ARG C 140 -7.64 -26.71 23.85
CA ARG C 140 -7.98 -28.06 23.41
C ARG C 140 -6.79 -28.78 22.78
N ARG C 141 -5.61 -28.15 22.77
CA ARG C 141 -4.39 -28.67 22.13
C ARG C 141 -4.62 -28.95 20.66
N LEU C 142 -5.35 -28.06 19.99
CA LEU C 142 -5.66 -28.18 18.57
C LEU C 142 -4.94 -27.07 17.81
N VAL C 143 -4.10 -27.45 16.85
CA VAL C 143 -3.44 -26.49 15.98
C VAL C 143 -4.34 -26.22 14.78
N HIS C 144 -4.52 -24.94 14.46
CA HIS C 144 -5.41 -24.57 13.36
C HIS C 144 -4.82 -24.97 12.02
N ARG C 145 -3.64 -24.44 11.70
CA ARG C 145 -2.82 -24.66 10.51
C ARG C 145 -3.34 -23.88 9.30
N ASP C 146 -4.51 -23.24 9.37
CA ASP C 146 -5.05 -22.51 8.23
C ASP C 146 -5.81 -21.28 8.70
N LEU C 147 -5.27 -20.59 9.70
CA LEU C 147 -5.92 -19.36 10.18
C LEU C 147 -5.75 -18.24 9.16
N ALA C 148 -6.88 -17.62 8.79
CA ALA C 148 -6.91 -16.53 7.83
C ALA C 148 -8.29 -15.90 7.90
N ALA C 149 -8.39 -14.68 7.35
CA ALA C 149 -9.68 -14.01 7.32
C ALA C 149 -10.73 -14.82 6.57
N ARG C 150 -10.31 -15.61 5.58
CA ARG C 150 -11.25 -16.46 4.85
C ARG C 150 -11.82 -17.56 5.73
N ASN C 151 -11.08 -17.99 6.76
CA ASN C 151 -11.55 -19.02 7.69
C ASN C 151 -12.04 -18.42 9.00
N VAL C 152 -12.48 -17.17 8.97
CA VAL C 152 -13.24 -16.57 10.06
C VAL C 152 -14.62 -16.23 9.51
N LEU C 153 -15.64 -16.88 10.04
CA LEU C 153 -16.99 -16.74 9.55
C LEU C 153 -17.74 -15.70 10.38
N VAL C 154 -18.61 -14.95 9.72
CA VAL C 154 -19.39 -13.89 10.35
C VAL C 154 -20.76 -14.48 10.68
N LYS C 155 -21.03 -14.67 11.97
CA LYS C 155 -22.37 -15.06 12.39
C LYS C 155 -23.30 -13.85 12.39
N THR C 156 -22.88 -12.79 13.06
CA THR C 156 -23.43 -11.44 12.93
C THR C 156 -22.24 -10.51 12.78
N PRO C 157 -22.44 -9.29 12.24
CA PRO C 157 -21.32 -8.34 12.13
C PRO C 157 -20.57 -8.13 13.43
N GLN C 158 -21.25 -8.37 14.55
CA GLN C 158 -20.67 -8.23 15.87
C GLN C 158 -20.13 -9.53 16.46
N HIS C 159 -20.22 -10.64 15.73
CA HIS C 159 -19.90 -11.95 16.30
C HIS C 159 -19.29 -12.80 15.20
N VAL C 160 -17.99 -13.07 15.30
CA VAL C 160 -17.31 -13.92 14.35
C VAL C 160 -16.83 -15.19 15.05
N LYS C 161 -16.64 -16.23 14.25
CA LYS C 161 -16.21 -17.53 14.75
C LYS C 161 -15.22 -18.13 13.76
N ILE C 162 -14.18 -18.77 14.29
CA ILE C 162 -13.16 -19.38 13.44
C ILE C 162 -13.63 -20.75 12.99
N THR C 163 -13.21 -21.14 11.78
CA THR C 163 -13.66 -22.37 11.17
C THR C 163 -12.49 -23.05 10.45
N ASP C 164 -12.76 -24.25 9.93
CA ASP C 164 -11.83 -24.99 9.07
C ASP C 164 -10.48 -25.22 9.76
N PHE C 165 -10.52 -25.63 11.02
CA PHE C 165 -9.31 -25.93 11.77
C PHE C 165 -9.05 -27.43 11.81
N GLY C 166 -7.80 -27.79 12.06
CA GLY C 166 -7.46 -29.19 12.27
C GLY C 166 -7.44 -30.03 11.03
N LEU C 167 -7.27 -29.41 9.86
CA LEU C 167 -7.31 -30.14 8.55
C LEU C 167 -5.94 -30.27 7.89
N ALA C 168 -5.75 -29.59 6.75
CA ALA C 168 -4.59 -29.75 5.83
C ALA C 168 -3.95 -31.13 5.99
N VAL C 185 -1.64 -24.56 -0.84
CA VAL C 185 -0.99 -24.33 0.45
C VAL C 185 -0.94 -22.83 0.73
N PRO C 186 -1.43 -22.42 1.91
CA PRO C 186 -1.44 -20.99 2.28
C PRO C 186 -0.07 -20.49 2.72
N ILE C 187 0.85 -20.46 1.76
CA ILE C 187 2.25 -20.11 2.06
C ILE C 187 2.36 -18.72 2.68
N LYS C 188 1.59 -17.76 2.18
CA LYS C 188 1.74 -16.38 2.60
C LYS C 188 1.15 -16.09 3.98
N TRP C 189 0.48 -17.07 4.60
CA TRP C 189 0.02 -16.95 5.98
C TRP C 189 0.83 -17.78 6.96
N MET C 190 1.74 -18.62 6.47
CA MET C 190 2.46 -19.58 7.29
C MET C 190 3.70 -18.97 7.92
N ALA C 191 4.01 -19.39 9.14
CA ALA C 191 5.26 -19.03 9.77
C ALA C 191 6.43 -19.62 8.98
N LEU C 192 7.61 -19.02 9.18
CA LEU C 192 8.78 -19.43 8.41
C LEU C 192 9.15 -20.89 8.68
N GLU C 193 9.08 -21.32 9.94
CA GLU C 193 9.40 -22.72 10.23
C GLU C 193 8.36 -23.68 9.66
N SER C 194 7.14 -23.20 9.40
CA SER C 194 6.17 -24.04 8.71
C SER C 194 6.49 -24.15 7.23
N ILE C 195 6.93 -23.05 6.61
CA ILE C 195 7.33 -23.10 5.21
C ILE C 195 8.59 -23.95 5.06
N LEU C 196 9.58 -23.70 5.91
CA LEU C 196 10.87 -24.36 5.78
C LEU C 196 10.87 -25.76 6.40
N HIS C 197 10.22 -25.97 7.53
CA HIS C 197 10.45 -27.23 8.22
C HIS C 197 9.16 -27.95 8.56
N ARG C 198 8.05 -27.56 7.92
CA ARG C 198 6.72 -28.14 8.13
C ARG C 198 6.45 -28.33 9.61
N ILE C 199 6.84 -27.35 10.42
CA ILE C 199 6.63 -27.38 11.86
C ILE C 199 5.38 -26.56 12.15
N TYR C 200 4.32 -27.22 12.61
CA TYR C 200 3.07 -26.54 12.94
C TYR C 200 2.82 -26.67 14.43
N THR C 201 2.81 -25.54 15.12
CA THR C 201 2.51 -25.46 16.54
C THR C 201 1.51 -24.34 16.76
N HIS C 202 1.11 -24.15 18.02
CA HIS C 202 0.27 -23.01 18.36
C HIS C 202 1.00 -21.70 18.15
N GLN C 203 2.33 -21.70 18.19
CA GLN C 203 3.09 -20.48 17.95
C GLN C 203 3.16 -20.13 16.48
N SER C 204 3.07 -21.13 15.58
CA SER C 204 2.94 -20.82 14.17
C SER C 204 1.53 -20.32 13.84
N ASP C 205 0.53 -20.73 14.62
CA ASP C 205 -0.80 -20.15 14.49
C ASP C 205 -0.80 -18.67 14.87
N VAL C 206 0.03 -18.28 15.83
CA VAL C 206 0.13 -16.87 16.21
C VAL C 206 0.62 -16.05 15.02
N TRP C 207 1.58 -16.58 14.26
CA TRP C 207 2.02 -15.93 13.03
C TRP C 207 0.85 -15.73 12.08
N SER C 208 0.08 -16.80 11.84
CA SER C 208 -1.08 -16.70 10.95
C SER C 208 -2.09 -15.69 11.48
N TYR C 209 -2.25 -15.63 12.81
CA TYR C 209 -3.12 -14.60 13.39
C TYR C 209 -2.64 -13.21 13.02
N GLY C 210 -1.33 -12.98 13.07
CA GLY C 210 -0.79 -11.69 12.68
C GLY C 210 -1.14 -11.30 11.26
N VAL C 211 -1.02 -12.26 10.33
CA VAL C 211 -1.38 -11.98 8.95
C VAL C 211 -2.89 -11.75 8.83
N THR C 212 -3.68 -12.50 9.60
CA THR C 212 -5.13 -12.30 9.59
C THR C 212 -5.48 -10.89 10.07
N VAL C 213 -4.81 -10.43 11.12
CA VAL C 213 -5.01 -9.05 11.58
C VAL C 213 -4.62 -8.06 10.50
N TRP C 214 -3.51 -8.34 9.80
CA TRP C 214 -3.09 -7.48 8.70
C TRP C 214 -4.15 -7.41 7.61
N GLU C 215 -4.80 -8.53 7.31
CA GLU C 215 -5.87 -8.54 6.33
C GLU C 215 -7.02 -7.64 6.76
N LEU C 216 -7.38 -7.69 8.05
CA LEU C 216 -8.49 -6.89 8.54
C LEU C 216 -8.17 -5.41 8.50
N MET C 217 -6.94 -5.03 8.84
CA MET C 217 -6.53 -3.63 8.89
CA MET C 217 -6.60 -3.62 8.89
C MET C 217 -6.28 -3.04 7.52
N THR C 218 -6.07 -3.87 6.50
CA THR C 218 -5.96 -3.42 5.13
C THR C 218 -7.28 -3.56 4.38
N PHE C 219 -8.36 -3.89 5.10
CA PHE C 219 -9.68 -4.08 4.52
C PHE C 219 -9.67 -5.14 3.42
N GLY C 220 -8.93 -6.22 3.64
CA GLY C 220 -8.96 -7.36 2.76
C GLY C 220 -7.91 -7.38 1.66
N SER C 221 -6.77 -6.72 1.87
CA SER C 221 -5.71 -6.75 0.88
C SER C 221 -5.01 -8.11 0.89
N LYS C 222 -4.49 -8.49 -0.27
CA LYS C 222 -3.80 -9.77 -0.43
C LYS C 222 -2.38 -9.64 0.09
N PRO C 223 -1.96 -10.46 1.06
CA PRO C 223 -0.61 -10.35 1.59
C PRO C 223 0.44 -10.79 0.57
N TYR C 224 1.54 -10.03 0.51
CA TYR C 224 2.62 -10.24 -0.45
C TYR C 224 2.07 -10.40 -1.87
N ASP C 225 1.18 -9.49 -2.25
CA ASP C 225 0.56 -9.54 -3.56
C ASP C 225 1.61 -9.32 -4.65
N GLY C 226 1.63 -10.22 -5.63
CA GLY C 226 2.57 -10.14 -6.72
C GLY C 226 3.90 -10.82 -6.46
N ILE C 227 4.21 -11.13 -5.21
CA ILE C 227 5.48 -11.80 -4.88
C ILE C 227 5.30 -13.29 -5.10
N PRO C 228 6.19 -13.96 -5.84
CA PRO C 228 6.06 -15.42 -6.00
C PRO C 228 6.19 -16.10 -4.65
N ALA C 229 5.35 -17.12 -4.43
CA ALA C 229 5.39 -17.85 -3.17
C ALA C 229 6.76 -18.46 -2.90
N SER C 230 7.50 -18.77 -3.97
CA SER C 230 8.84 -19.33 -3.85
C SER C 230 9.82 -18.38 -3.19
N GLU C 231 9.47 -17.10 -3.04
CA GLU C 231 10.39 -16.10 -2.51
C GLU C 231 10.05 -15.68 -1.08
N ILE C 232 8.95 -16.17 -0.52
CA ILE C 232 8.50 -15.69 0.79
C ILE C 232 9.54 -16.00 1.85
N SER C 233 10.08 -17.22 1.83
CA SER C 233 11.09 -17.60 2.82
C SER C 233 12.29 -16.66 2.78
N SER C 234 12.70 -16.25 1.57
CA SER C 234 13.82 -15.32 1.45
C SER C 234 13.48 -13.97 2.05
N ILE C 235 12.28 -13.46 1.78
CA ILE C 235 11.89 -12.14 2.26
C ILE C 235 11.82 -12.15 3.78
N LEU C 236 11.37 -13.26 4.36
CA LEU C 236 11.28 -13.38 5.81
C LEU C 236 12.66 -13.60 6.42
N GLU C 237 13.43 -14.54 5.87
CA GLU C 237 14.79 -14.79 6.34
C GLU C 237 15.67 -13.54 6.24
N LYS C 238 15.62 -12.86 5.11
CA LYS C 238 16.46 -11.67 4.93
C LYS C 238 15.82 -10.41 5.51
N GLY C 239 15.08 -9.68 4.66
CA GLY C 239 14.35 -8.49 5.06
C GLY C 239 13.36 -8.69 6.19
N GLU C 240 12.09 -8.38 5.97
CA GLU C 240 11.16 -8.55 7.06
C GLU C 240 9.72 -8.88 6.67
N ARG C 241 8.80 -7.95 6.88
CA ARG C 241 7.42 -8.34 7.07
C ARG C 241 6.49 -7.51 6.19
N LEU C 242 5.20 -7.85 6.30
CA LEU C 242 4.16 -7.08 5.64
C LEU C 242 4.18 -5.65 6.14
N PRO C 243 3.88 -4.67 5.28
CA PRO C 243 4.04 -3.27 5.67
C PRO C 243 2.95 -2.81 6.62
N GLN C 244 3.23 -1.68 7.27
CA GLN C 244 2.30 -1.10 8.23
C GLN C 244 1.07 -0.55 7.52
N PRO C 245 -0.13 -1.01 7.87
CA PRO C 245 -1.33 -0.45 7.25
C PRO C 245 -1.49 1.01 7.61
N PRO C 246 -2.07 1.80 6.71
CA PRO C 246 -2.19 3.25 6.98
C PRO C 246 -3.02 3.56 8.22
N ILE C 247 -4.03 2.74 8.52
CA ILE C 247 -4.87 2.99 9.68
C ILE C 247 -4.24 2.52 10.98
N CYS C 248 -3.09 1.85 10.93
CA CYS C 248 -2.48 1.29 12.12
C CYS C 248 -1.53 2.28 12.76
N THR C 249 -1.65 2.44 14.07
CA THR C 249 -0.63 3.11 14.84
C THR C 249 0.55 2.16 15.07
N ILE C 250 1.67 2.70 15.54
CA ILE C 250 2.84 1.87 15.78
C ILE C 250 2.54 0.80 16.82
N ASP C 251 1.68 1.11 17.80
CA ASP C 251 1.32 0.13 18.82
C ASP C 251 0.69 -1.11 18.21
N VAL C 252 -0.19 -0.92 17.21
CA VAL C 252 -0.86 -2.05 16.59
C VAL C 252 0.12 -2.80 15.68
N TYR C 253 0.96 -2.06 14.95
CA TYR C 253 1.88 -2.71 14.04
C TYR C 253 2.93 -3.54 14.78
N MET C 254 3.41 -3.11 15.94
CA MET C 254 4.44 -3.89 16.61
C MET C 254 3.88 -5.21 17.15
N ILE C 255 2.57 -5.25 17.45
CA ILE C 255 1.93 -6.50 17.80
C ILE C 255 2.01 -7.46 16.62
N MET C 256 1.66 -6.97 15.43
CA MET C 256 1.77 -7.76 14.22
C MET C 256 3.22 -8.17 13.97
N ARG C 257 4.16 -7.25 14.18
CA ARG C 257 5.57 -7.58 13.99
C ARG C 257 6.06 -8.59 15.02
N LYS C 258 5.53 -8.55 16.25
CA LYS C 258 5.91 -9.54 17.25
C LYS C 258 5.36 -10.91 16.92
N CYS C 259 4.19 -10.98 16.27
CA CYS C 259 3.67 -12.26 15.82
C CYS C 259 4.53 -12.88 14.72
N TRP C 260 5.37 -12.09 14.06
CA TRP C 260 6.15 -12.53 12.92
C TRP C 260 7.64 -12.63 13.24
N MET C 261 7.98 -12.83 14.51
CA MET C 261 9.37 -13.02 14.91
C MET C 261 9.84 -14.42 14.55
N ILE C 262 11.12 -14.53 14.16
CA ILE C 262 11.66 -15.81 13.70
C ILE C 262 11.64 -16.84 14.83
N ASP C 263 12.01 -16.42 16.04
CA ASP C 263 11.95 -17.30 17.20
C ASP C 263 10.49 -17.48 17.59
N ALA C 264 9.97 -18.70 17.43
CA ALA C 264 8.55 -18.96 17.69
C ALA C 264 8.19 -18.66 19.14
N ASP C 265 9.08 -18.99 20.08
CA ASP C 265 8.79 -18.76 21.49
C ASP C 265 8.85 -17.30 21.88
N SER C 266 9.33 -16.41 21.01
CA SER C 266 9.29 -14.98 21.27
C SER C 266 7.98 -14.33 20.85
N ARG C 267 7.20 -15.00 20.02
CA ARG C 267 5.91 -14.46 19.59
C ARG C 267 4.94 -14.44 20.76
N PRO C 268 4.00 -13.50 20.76
CA PRO C 268 3.02 -13.43 21.86
C PRO C 268 2.12 -14.66 21.91
N LYS C 269 1.56 -14.89 23.08
CA LYS C 269 0.56 -15.93 23.29
C LYS C 269 -0.83 -15.38 23.02
N PHE C 270 -1.74 -16.26 22.62
CA PHE C 270 -3.12 -15.83 22.34
C PHE C 270 -3.77 -15.21 23.55
N ARG C 271 -3.46 -15.70 24.75
CA ARG C 271 -4.01 -15.10 25.97
C ARG C 271 -3.51 -13.68 26.13
N GLU C 272 -2.25 -13.42 25.76
CA GLU C 272 -1.73 -12.05 25.80
C GLU C 272 -2.38 -11.18 24.73
N LEU C 273 -2.67 -11.76 23.56
CA LEU C 273 -3.29 -11.00 22.48
C LEU C 273 -4.72 -10.58 22.83
N ILE C 274 -5.44 -11.43 23.55
CA ILE C 274 -6.79 -11.08 23.99
C ILE C 274 -6.75 -9.84 24.88
N ILE C 275 -5.86 -9.84 25.87
CA ILE C 275 -5.76 -8.71 26.79
C ILE C 275 -5.37 -7.44 26.03
N GLU C 276 -4.36 -7.54 25.17
CA GLU C 276 -3.82 -6.35 24.52
C GLU C 276 -4.85 -5.74 23.56
N PHE C 277 -5.50 -6.58 22.76
CA PHE C 277 -6.52 -6.06 21.84
C PHE C 277 -7.77 -5.60 22.59
N SER C 278 -8.07 -6.20 23.74
CA SER C 278 -9.18 -5.71 24.56
C SER C 278 -8.86 -4.33 25.13
N LYS C 279 -7.61 -4.11 25.54
CA LYS C 279 -7.20 -2.78 26.01
C LYS C 279 -7.41 -1.74 24.91
N MET C 280 -6.99 -2.07 23.69
CA MET C 280 -7.13 -1.11 22.58
C MET C 280 -8.60 -0.92 22.20
N ALA C 281 -9.42 -1.96 22.34
CA ALA C 281 -10.84 -1.82 22.02
C ALA C 281 -11.55 -0.85 22.96
N ARG C 282 -10.97 -0.56 24.12
CA ARG C 282 -11.53 0.42 25.03
C ARG C 282 -11.18 1.84 24.64
N ASP C 283 -10.32 2.04 23.64
CA ASP C 283 -9.98 3.36 23.13
C ASP C 283 -9.60 3.23 21.66
N PRO C 284 -10.57 2.94 20.80
CA PRO C 284 -10.23 2.49 19.44
C PRO C 284 -9.60 3.57 18.57
N GLN C 285 -10.04 4.83 18.69
CA GLN C 285 -9.51 5.86 17.81
C GLN C 285 -8.08 6.27 18.17
N ARG C 286 -7.55 5.84 19.31
CA ARG C 286 -6.14 6.05 19.60
C ARG C 286 -5.25 5.09 18.82
N TYR C 287 -5.73 3.89 18.54
CA TYR C 287 -4.90 2.87 17.93
C TYR C 287 -5.19 2.66 16.45
N LEU C 288 -6.35 3.07 15.97
CA LEU C 288 -6.66 3.00 14.55
C LEU C 288 -7.09 4.38 14.06
N VAL C 289 -6.55 4.78 12.91
CA VAL C 289 -6.81 6.09 12.32
C VAL C 289 -7.57 5.85 11.03
N ILE C 290 -8.90 5.94 11.10
CA ILE C 290 -9.78 5.64 9.97
C ILE C 290 -10.59 6.89 9.66
N GLN C 291 -10.66 7.25 8.38
CA GLN C 291 -11.41 8.42 7.96
C GLN C 291 -12.90 8.19 8.16
N GLY C 292 -13.56 9.09 8.88
CA GLY C 292 -14.97 8.96 9.18
C GLY C 292 -15.28 8.07 10.36
N ASP C 293 -14.26 7.74 11.17
CA ASP C 293 -14.44 6.76 12.25
C ASP C 293 -15.47 7.23 13.27
N GLU C 294 -15.52 8.54 13.53
CA GLU C 294 -16.44 9.06 14.55
C GLU C 294 -17.89 8.93 14.11
N ARG C 295 -18.14 8.75 12.82
CA ARG C 295 -19.50 8.61 12.32
C ARG C 295 -19.90 7.16 12.11
N MET C 296 -18.99 6.21 12.30
CA MET C 296 -19.33 4.81 12.39
C MET C 296 -19.58 4.43 13.85
N HIS C 297 -20.23 3.29 14.06
CA HIS C 297 -20.65 2.96 15.41
C HIS C 297 -20.92 1.46 15.54
N LEU C 298 -20.71 0.96 16.75
CA LEU C 298 -21.08 -0.39 17.11
C LEU C 298 -22.59 -0.46 17.26
N PRO C 299 -23.17 -1.66 17.34
CA PRO C 299 -24.62 -1.72 17.57
C PRO C 299 -24.93 -1.11 18.93
N SER C 300 -26.12 -0.57 19.03
CA SER C 300 -26.59 -0.08 20.31
C SER C 300 -27.04 -1.31 21.08
N PRO C 301 -27.07 -1.25 22.42
CA PRO C 301 -27.61 -2.42 23.16
C PRO C 301 -28.94 -2.89 22.59
N THR C 302 -29.75 -1.96 22.09
CA THR C 302 -31.00 -2.34 21.42
C THR C 302 -30.71 -3.14 20.15
N ASP C 303 -29.69 -2.74 19.38
CA ASP C 303 -29.39 -3.45 18.14
C ASP C 303 -28.84 -4.85 18.44
N SER C 304 -28.03 -4.98 19.48
CA SER C 304 -27.42 -6.27 19.80
C SER C 304 -28.46 -7.27 20.29
N ASN C 305 -29.44 -6.80 21.08
CA ASN C 305 -30.50 -7.69 21.56
C ASN C 305 -31.37 -8.18 20.41
N PHE C 306 -31.63 -7.32 19.42
CA PHE C 306 -32.42 -7.72 18.27
C PHE C 306 -31.68 -8.75 17.42
N TYR C 307 -30.40 -8.50 17.15
CA TYR C 307 -29.57 -9.46 16.42
C TYR C 307 -29.51 -10.80 17.14
N ARG C 308 -29.36 -10.78 18.47
CA ARG C 308 -29.22 -12.02 19.23
C ARG C 308 -30.48 -12.87 19.14
N ALA C 309 -31.64 -12.26 19.38
CA ALA C 309 -32.88 -13.03 19.44
C ALA C 309 -33.22 -13.66 18.11
N LEU C 310 -32.79 -13.05 17.01
CA LEU C 310 -33.12 -13.57 15.68
C LEU C 310 -32.06 -14.51 15.14
N MET C 311 -30.78 -14.22 15.35
CA MET C 311 -29.70 -14.95 14.69
C MET C 311 -28.68 -15.56 15.63
N ASP C 312 -28.58 -15.10 16.88
CA ASP C 312 -27.39 -15.41 17.66
C ASP C 312 -27.81 -15.57 19.13
N GLU C 313 -28.48 -16.67 19.44
CA GLU C 313 -29.03 -16.81 20.81
C GLU C 313 -28.01 -17.53 21.70
N GLU C 314 -26.81 -17.76 21.19
CA GLU C 314 -25.82 -18.54 21.96
C GLU C 314 -25.27 -17.73 23.13
N ASP C 315 -24.79 -18.41 24.16
CA ASP C 315 -24.19 -17.75 25.34
C ASP C 315 -22.87 -17.09 24.94
N MET C 316 -22.89 -16.28 23.90
CA MET C 316 -21.67 -15.54 23.55
C MET C 316 -21.56 -14.47 24.63
N ASP C 317 -21.23 -14.89 25.84
CA ASP C 317 -21.13 -13.92 26.96
C ASP C 317 -20.43 -12.68 26.43
N ASP C 318 -19.19 -12.84 26.00
CA ASP C 318 -18.42 -11.70 25.44
C ASP C 318 -19.36 -10.68 24.81
N VAL C 319 -19.59 -9.55 25.48
CA VAL C 319 -20.38 -8.45 24.84
C VAL C 319 -19.34 -7.60 24.12
N VAL C 320 -19.52 -7.35 22.83
CA VAL C 320 -18.48 -6.61 22.06
C VAL C 320 -18.01 -5.41 22.88
N ASP C 321 -16.69 -5.21 22.98
CA ASP C 321 -16.13 -4.07 23.75
C ASP C 321 -16.20 -2.80 22.90
N ASN D 9 -27.66 -35.94 -12.08
CA ASN D 9 -29.11 -36.06 -12.25
C ASN D 9 -29.48 -36.17 -13.73
N GLN D 10 -29.85 -37.38 -14.15
CA GLN D 10 -30.21 -37.61 -15.55
C GLN D 10 -31.46 -36.84 -15.94
N ALA D 11 -32.34 -36.55 -14.99
CA ALA D 11 -33.60 -35.88 -15.27
C ALA D 11 -33.43 -34.44 -15.73
N LEU D 12 -32.21 -33.91 -15.70
CA LEU D 12 -31.97 -32.53 -16.12
C LEU D 12 -31.71 -32.40 -17.62
N LEU D 13 -31.42 -33.50 -18.32
CA LEU D 13 -31.19 -33.49 -19.75
C LEU D 13 -32.27 -34.33 -20.41
N ARG D 14 -33.14 -33.69 -21.18
CA ARG D 14 -34.21 -34.38 -21.89
C ARG D 14 -33.71 -34.92 -23.22
N ILE D 15 -33.93 -36.21 -23.45
CA ILE D 15 -33.60 -36.84 -24.73
C ILE D 15 -34.79 -36.67 -25.64
N LEU D 16 -34.59 -35.94 -26.74
CA LEU D 16 -35.68 -35.57 -27.61
C LEU D 16 -35.75 -36.48 -28.84
N LYS D 17 -36.94 -36.60 -29.39
CA LYS D 17 -37.16 -37.25 -30.66
C LYS D 17 -37.06 -36.22 -31.78
N GLU D 18 -36.59 -36.66 -32.94
CA GLU D 18 -36.55 -35.76 -34.09
C GLU D 18 -37.93 -35.22 -34.41
N THR D 19 -38.99 -36.00 -34.18
CA THR D 19 -40.33 -35.66 -34.62
C THR D 19 -41.00 -34.60 -33.74
N GLU D 20 -40.40 -34.24 -32.61
CA GLU D 20 -41.02 -33.30 -31.66
C GLU D 20 -40.39 -31.91 -31.71
N PHE D 21 -39.46 -31.65 -32.63
CA PHE D 21 -38.94 -30.29 -32.80
C PHE D 21 -38.57 -30.08 -34.25
N LYS D 22 -38.53 -28.81 -34.65
CA LYS D 22 -38.25 -28.44 -36.03
C LYS D 22 -37.35 -27.20 -36.08
N LYS D 23 -36.31 -27.26 -36.89
CA LYS D 23 -35.51 -26.08 -37.16
C LYS D 23 -36.26 -25.14 -38.09
N ILE D 24 -36.24 -23.85 -37.77
CA ILE D 24 -37.03 -22.84 -38.46
C ILE D 24 -36.18 -21.82 -39.18
N LYS D 25 -35.13 -21.32 -38.52
CA LYS D 25 -34.30 -20.28 -39.09
C LYS D 25 -32.92 -20.35 -38.43
N VAL D 26 -31.87 -20.30 -39.26
CA VAL D 26 -30.52 -20.35 -38.74
C VAL D 26 -30.18 -19.03 -38.07
N LEU D 27 -29.34 -19.09 -37.05
CA LEU D 27 -28.84 -17.90 -36.37
C LEU D 27 -27.36 -17.69 -36.58
N GLY D 28 -26.60 -18.75 -36.80
CA GLY D 28 -25.18 -18.64 -37.02
C GLY D 28 -24.53 -20.01 -36.87
N SER D 29 -23.21 -20.00 -37.00
CA SER D 29 -22.43 -21.22 -36.86
C SER D 29 -21.16 -20.90 -36.10
N GLY D 30 -20.55 -21.92 -35.53
CA GLY D 30 -19.29 -21.70 -34.85
C GLY D 30 -18.34 -22.86 -35.05
N ALA D 31 -17.67 -23.28 -33.98
CA ALA D 31 -16.67 -24.32 -34.13
C ALA D 31 -17.22 -25.71 -33.93
N PHE D 32 -18.26 -25.85 -33.11
CA PHE D 32 -18.86 -27.15 -32.86
C PHE D 32 -20.10 -27.42 -33.71
N GLY D 33 -20.73 -26.40 -34.28
CA GLY D 33 -21.89 -26.65 -35.11
C GLY D 33 -22.61 -25.37 -35.47
N THR D 34 -23.83 -25.55 -35.97
CA THR D 34 -24.67 -24.45 -36.46
C THR D 34 -25.86 -24.25 -35.54
N VAL D 35 -26.16 -22.99 -35.20
CA VAL D 35 -27.22 -22.65 -34.27
C VAL D 35 -28.45 -22.20 -35.05
N TYR D 36 -29.61 -22.75 -34.70
CA TYR D 36 -30.88 -22.44 -35.35
C TYR D 36 -31.88 -21.92 -34.32
N LYS D 37 -32.79 -21.07 -34.78
CA LYS D 37 -34.04 -20.83 -34.06
C LYS D 37 -35.03 -21.93 -34.40
N GLY D 38 -35.56 -22.59 -33.38
CA GLY D 38 -36.42 -23.73 -33.59
C GLY D 38 -37.73 -23.61 -32.83
N LEU D 39 -38.57 -24.63 -33.02
CA LEU D 39 -39.87 -24.72 -32.36
C LEU D 39 -40.01 -26.11 -31.75
N TRP D 40 -40.42 -26.15 -30.48
CA TRP D 40 -40.75 -27.40 -29.81
C TRP D 40 -42.27 -27.55 -29.78
N ILE D 41 -42.78 -28.63 -30.34
CA ILE D 41 -44.23 -28.88 -30.32
C ILE D 41 -44.52 -29.95 -29.27
N PRO D 42 -45.00 -29.56 -28.09
CA PRO D 42 -45.34 -30.54 -27.05
C PRO D 42 -46.33 -31.58 -27.52
N GLU D 43 -46.14 -32.80 -27.05
CA GLU D 43 -46.94 -33.93 -27.50
C GLU D 43 -48.40 -33.74 -27.03
N GLY D 44 -49.34 -33.96 -27.94
CA GLY D 44 -50.74 -33.78 -27.61
C GLY D 44 -51.20 -32.35 -27.50
N GLU D 45 -50.32 -31.38 -27.73
CA GLU D 45 -50.63 -29.96 -27.57
C GLU D 45 -50.54 -29.28 -28.91
N LYS D 46 -51.03 -28.03 -28.97
CA LYS D 46 -51.05 -27.29 -30.22
C LYS D 46 -50.22 -26.01 -30.12
N VAL D 47 -49.37 -25.89 -29.10
CA VAL D 47 -48.57 -24.70 -28.88
C VAL D 47 -47.20 -24.91 -29.50
N LYS D 48 -46.54 -23.81 -29.86
CA LYS D 48 -45.17 -23.85 -30.38
C LYS D 48 -44.28 -22.93 -29.55
N ILE D 49 -43.34 -23.54 -28.86
CA ILE D 49 -42.46 -22.85 -27.92
C ILE D 49 -41.10 -22.65 -28.59
N PRO D 50 -40.64 -21.42 -28.76
CA PRO D 50 -39.35 -21.19 -29.43
C PRO D 50 -38.20 -21.77 -28.62
N VAL D 51 -37.26 -22.40 -29.34
CA VAL D 51 -36.06 -22.95 -28.76
C VAL D 51 -34.87 -22.56 -29.63
N ALA D 52 -33.68 -22.74 -29.07
CA ALA D 52 -32.45 -22.68 -29.84
C ALA D 52 -31.94 -24.10 -30.05
N ILE D 53 -31.43 -24.38 -31.25
CA ILE D 53 -30.94 -25.69 -31.61
C ILE D 53 -29.57 -25.55 -32.25
N LYS D 54 -28.59 -26.28 -31.74
CA LYS D 54 -27.27 -26.34 -32.35
C LYS D 54 -27.05 -27.75 -32.89
N GLU D 55 -26.97 -27.85 -34.22
CA GLU D 55 -26.71 -29.13 -34.88
C GLU D 55 -25.20 -29.29 -35.07
N LEU D 56 -24.69 -30.45 -34.68
CA LEU D 56 -23.24 -30.67 -34.68
C LEU D 56 -22.72 -30.75 -36.11
N ARG D 57 -21.41 -30.48 -36.24
CA ARG D 57 -20.80 -30.37 -37.56
C ARG D 57 -20.81 -31.71 -38.30
N GLU D 58 -20.32 -32.76 -37.64
CA GLU D 58 -20.19 -34.09 -38.22
C GLU D 58 -21.27 -35.01 -37.69
N ALA D 59 -21.61 -36.04 -38.47
CA ALA D 59 -22.47 -37.08 -37.93
C ALA D 59 -21.66 -37.87 -36.90
N THR D 60 -22.36 -38.65 -36.09
CA THR D 60 -21.69 -39.34 -35.02
C THR D 60 -22.27 -40.74 -34.87
N SER D 61 -21.57 -41.54 -34.11
CA SER D 61 -21.95 -42.89 -33.78
C SER D 61 -22.34 -42.97 -32.30
N PRO D 62 -23.09 -43.99 -31.89
CA PRO D 62 -23.39 -44.14 -30.46
C PRO D 62 -22.13 -44.21 -29.62
N LYS D 63 -21.02 -44.59 -30.23
CA LYS D 63 -19.76 -44.67 -29.53
C LYS D 63 -19.28 -43.26 -29.15
N ALA D 64 -19.27 -42.34 -30.13
CA ALA D 64 -18.98 -40.94 -29.85
C ALA D 64 -20.08 -40.26 -29.04
N ASN D 65 -21.33 -40.76 -29.14
CA ASN D 65 -22.44 -40.14 -28.41
C ASN D 65 -22.30 -40.28 -26.91
N LYS D 66 -21.65 -41.33 -26.42
CA LYS D 66 -21.46 -41.47 -24.98
C LYS D 66 -20.58 -40.36 -24.42
N GLU D 67 -19.51 -40.00 -25.14
CA GLU D 67 -18.67 -38.88 -24.71
C GLU D 67 -19.45 -37.57 -24.71
N ILE D 68 -20.31 -37.36 -25.71
CA ILE D 68 -21.15 -36.16 -25.74
C ILE D 68 -22.07 -36.12 -24.54
N LEU D 69 -22.77 -37.23 -24.29
CA LEU D 69 -23.74 -37.27 -23.18
C LEU D 69 -23.06 -37.03 -21.84
N ASP D 70 -21.88 -37.59 -21.64
CA ASP D 70 -21.19 -37.41 -20.36
C ASP D 70 -20.96 -35.93 -20.06
N GLU D 71 -20.56 -35.16 -21.07
CA GLU D 71 -20.42 -33.72 -20.90
C GLU D 71 -21.77 -33.01 -20.89
N ALA D 72 -22.73 -33.51 -21.67
CA ALA D 72 -24.04 -32.86 -21.76
C ALA D 72 -24.77 -32.88 -20.42
N TYR D 73 -24.65 -33.98 -19.67
CA TYR D 73 -25.29 -34.04 -18.36
C TYR D 73 -24.69 -33.02 -17.40
N VAL D 74 -23.39 -32.78 -17.51
CA VAL D 74 -22.74 -31.79 -16.67
C VAL D 74 -23.22 -30.39 -17.01
N MET D 75 -23.32 -30.08 -18.30
CA MET D 75 -23.78 -28.76 -18.72
C MET D 75 -25.26 -28.55 -18.49
N ALA D 76 -26.02 -29.64 -18.32
CA ALA D 76 -27.43 -29.55 -17.96
C ALA D 76 -27.65 -29.43 -16.46
N SER D 77 -26.59 -29.50 -15.65
CA SER D 77 -26.70 -29.52 -14.20
C SER D 77 -26.37 -28.17 -13.56
N VAL D 78 -26.00 -27.17 -14.35
CA VAL D 78 -25.67 -25.87 -13.80
C VAL D 78 -26.96 -25.15 -13.37
N ASP D 79 -26.86 -24.39 -12.28
CA ASP D 79 -28.01 -23.67 -11.73
C ASP D 79 -27.50 -22.35 -11.16
N ASN D 80 -27.43 -21.33 -12.02
CA ASN D 80 -26.98 -20.01 -11.63
C ASN D 80 -27.64 -19.01 -12.57
N PRO D 81 -28.12 -17.87 -12.06
CA PRO D 81 -28.85 -16.92 -12.91
C PRO D 81 -28.04 -16.40 -14.10
N HIS D 82 -26.71 -16.45 -14.03
CA HIS D 82 -25.86 -15.89 -15.07
C HIS D 82 -25.10 -16.96 -15.84
N VAL D 83 -25.58 -18.20 -15.80
CA VAL D 83 -24.98 -19.31 -16.52
C VAL D 83 -26.09 -20.05 -17.27
N CYS D 84 -25.92 -20.21 -18.58
CA CYS D 84 -26.91 -20.92 -19.37
C CYS D 84 -26.85 -22.42 -19.10
N ARG D 85 -28.02 -23.05 -19.14
CA ARG D 85 -28.15 -24.48 -18.91
C ARG D 85 -28.53 -25.17 -20.21
N LEU D 86 -27.85 -26.27 -20.52
CA LEU D 86 -28.27 -27.13 -21.61
C LEU D 86 -29.53 -27.88 -21.23
N LEU D 87 -30.51 -27.90 -22.13
CA LEU D 87 -31.82 -28.45 -21.81
C LEU D 87 -32.07 -29.82 -22.40
N GLY D 88 -31.63 -30.08 -23.63
CA GLY D 88 -31.98 -31.34 -24.27
C GLY D 88 -31.01 -31.72 -25.36
N ILE D 89 -31.18 -32.95 -25.84
CA ILE D 89 -30.35 -33.52 -26.89
C ILE D 89 -31.21 -34.49 -27.69
N CYS D 90 -31.00 -34.50 -29.01
CA CYS D 90 -31.68 -35.47 -29.89
C CYS D 90 -30.61 -36.34 -30.52
N LEU D 91 -30.67 -37.65 -30.26
CA LEU D 91 -29.63 -38.57 -30.76
C LEU D 91 -29.91 -38.92 -32.23
N THR D 92 -30.02 -37.90 -33.06
CA THR D 92 -30.21 -38.12 -34.52
C THR D 92 -28.85 -38.46 -35.13
N SER D 93 -28.82 -38.69 -36.44
CA SER D 93 -27.53 -38.96 -37.12
C SER D 93 -26.55 -37.92 -36.62
N THR D 94 -26.75 -36.67 -37.02
CA THR D 94 -25.95 -35.57 -36.43
C THR D 94 -26.71 -35.19 -35.18
N VAL D 95 -26.08 -35.32 -34.01
CA VAL D 95 -26.80 -35.06 -32.74
C VAL D 95 -27.23 -33.59 -32.72
N GLN D 96 -28.40 -33.33 -32.14
CA GLN D 96 -28.92 -31.95 -32.08
C GLN D 96 -29.05 -31.54 -30.61
N LEU D 97 -28.50 -30.38 -30.26
CA LEU D 97 -28.59 -29.89 -28.89
C LEU D 97 -29.63 -28.78 -28.80
N ILE D 98 -30.28 -28.67 -27.64
CA ILE D 98 -31.38 -27.74 -27.44
C ILE D 98 -31.17 -26.98 -26.15
N MET D 99 -31.30 -25.66 -26.21
CA MET D 99 -31.25 -24.80 -25.03
C MET D 99 -32.30 -23.70 -25.19
N GLN D 100 -32.39 -22.84 -24.18
CA GLN D 100 -33.35 -21.74 -24.23
C GLN D 100 -32.96 -20.73 -25.29
N LEU D 101 -33.95 -20.22 -26.01
CA LEU D 101 -33.71 -19.19 -27.02
C LEU D 101 -33.58 -17.83 -26.35
N MET D 102 -32.53 -17.10 -26.71
CA MET D 102 -32.31 -15.74 -26.23
C MET D 102 -32.61 -14.77 -27.36
N PRO D 103 -33.80 -14.17 -27.42
CA PRO D 103 -34.15 -13.34 -28.58
C PRO D 103 -33.24 -12.13 -28.77
N PHE D 104 -32.51 -11.72 -27.74
CA PHE D 104 -31.59 -10.59 -27.87
C PHE D 104 -30.24 -10.98 -28.46
N GLY D 105 -29.94 -12.28 -28.56
CA GLY D 105 -28.69 -12.72 -29.13
C GLY D 105 -27.53 -12.63 -28.15
N CYS D 106 -26.32 -12.63 -28.70
CA CYS D 106 -25.12 -12.58 -27.89
C CYS D 106 -24.73 -11.14 -27.60
N LEU D 107 -23.96 -10.95 -26.53
CA LEU D 107 -23.62 -9.61 -26.07
C LEU D 107 -22.67 -8.90 -27.02
N LEU D 108 -21.84 -9.64 -27.77
CA LEU D 108 -20.94 -9.01 -28.71
C LEU D 108 -21.72 -8.27 -29.81
N ASP D 109 -22.71 -8.93 -30.40
CA ASP D 109 -23.54 -8.26 -31.39
C ASP D 109 -24.37 -7.15 -30.79
N TYR D 110 -24.80 -7.32 -29.52
CA TYR D 110 -25.64 -6.32 -28.88
C TYR D 110 -24.87 -5.00 -28.70
N VAL D 111 -23.63 -5.08 -28.20
CA VAL D 111 -22.87 -3.86 -27.97
C VAL D 111 -22.45 -3.23 -29.30
N ARG D 112 -22.29 -4.04 -30.35
CA ARG D 112 -21.96 -3.49 -31.66
C ARG D 112 -23.14 -2.74 -32.26
N GLU D 113 -24.36 -3.28 -32.09
CA GLU D 113 -25.54 -2.65 -32.66
C GLU D 113 -26.05 -1.48 -31.84
N HIS D 114 -25.73 -1.42 -30.54
CA HIS D 114 -26.15 -0.32 -29.68
C HIS D 114 -24.97 0.53 -29.23
N LYS D 115 -23.89 0.56 -30.03
CA LYS D 115 -22.64 1.18 -29.58
C LYS D 115 -22.81 2.66 -29.26
N ASP D 116 -23.80 3.32 -29.87
CA ASP D 116 -24.07 4.73 -29.61
C ASP D 116 -25.20 4.94 -28.61
N ASN D 117 -25.60 3.90 -27.88
CA ASN D 117 -26.73 4.05 -26.95
C ASN D 117 -26.55 3.23 -25.68
N ILE D 118 -25.33 2.83 -25.32
CA ILE D 118 -25.08 2.03 -24.14
C ILE D 118 -24.39 2.91 -23.11
N GLY D 119 -24.98 3.01 -21.92
CA GLY D 119 -24.41 3.82 -20.86
C GLY D 119 -23.50 3.03 -19.95
N SER D 120 -22.81 3.77 -19.07
CA SER D 120 -21.83 3.15 -18.19
C SER D 120 -22.47 2.21 -17.19
N GLN D 121 -23.73 2.45 -16.84
CA GLN D 121 -24.41 1.59 -15.87
C GLN D 121 -24.56 0.17 -16.42
N TYR D 122 -24.97 0.05 -17.69
CA TYR D 122 -25.15 -1.28 -18.28
C TYR D 122 -23.83 -2.00 -18.43
N LEU D 123 -22.78 -1.30 -18.89
CA LEU D 123 -21.49 -1.95 -19.13
C LEU D 123 -20.91 -2.54 -17.85
N LEU D 124 -20.92 -1.77 -16.76
CA LEU D 124 -20.34 -2.26 -15.52
C LEU D 124 -21.18 -3.37 -14.90
N ASN D 125 -22.51 -3.29 -15.05
CA ASN D 125 -23.37 -4.36 -14.56
C ASN D 125 -23.20 -5.65 -15.34
N TRP D 126 -22.92 -5.55 -16.65
CA TRP D 126 -22.62 -6.76 -17.42
C TRP D 126 -21.35 -7.42 -16.92
N CYS D 127 -20.32 -6.64 -16.63
CA CYS D 127 -19.09 -7.19 -16.08
C CYS D 127 -19.35 -7.91 -14.75
N VAL D 128 -20.20 -7.33 -13.90
CA VAL D 128 -20.56 -7.96 -12.65
C VAL D 128 -21.21 -9.32 -12.91
N GLN D 129 -22.19 -9.34 -13.81
CA GLN D 129 -22.93 -10.57 -14.06
C GLN D 129 -22.05 -11.64 -14.69
N ILE D 130 -21.16 -11.24 -15.62
CA ILE D 130 -20.26 -12.20 -16.24
C ILE D 130 -19.30 -12.77 -15.19
N ALA D 131 -18.77 -11.92 -14.32
CA ALA D 131 -17.90 -12.41 -13.26
C ALA D 131 -18.66 -13.31 -12.30
N LYS D 132 -19.93 -12.99 -12.03
CA LYS D 132 -20.75 -13.87 -11.20
C LYS D 132 -20.91 -15.24 -11.84
N GLY D 133 -21.14 -15.28 -13.15
CA GLY D 133 -21.25 -16.57 -13.83
C GLY D 133 -19.94 -17.34 -13.82
N MET D 134 -18.83 -16.64 -14.07
CA MET D 134 -17.53 -17.32 -14.07
C MET D 134 -17.18 -17.82 -12.68
N ASN D 135 -17.50 -17.05 -11.65
CA ASN D 135 -17.25 -17.51 -10.29
C ASN D 135 -18.08 -18.76 -9.98
N TYR D 136 -19.30 -18.83 -10.52
CA TYR D 136 -20.10 -20.03 -10.34
C TYR D 136 -19.43 -21.23 -11.00
N LEU D 137 -18.94 -21.06 -12.22
CA LEU D 137 -18.27 -22.16 -12.92
C LEU D 137 -17.03 -22.61 -12.16
N GLU D 138 -16.30 -21.68 -11.54
CA GLU D 138 -15.14 -22.05 -10.73
C GLU D 138 -15.55 -22.87 -9.51
N ASP D 139 -16.63 -22.46 -8.83
CA ASP D 139 -17.10 -23.23 -7.68
C ASP D 139 -17.51 -24.64 -8.09
N ARG D 140 -18.08 -24.79 -9.28
CA ARG D 140 -18.41 -26.10 -9.81
C ARG D 140 -17.23 -26.84 -10.42
N ARG D 141 -16.02 -26.26 -10.34
CA ARG D 141 -14.82 -26.85 -10.95
C ARG D 141 -14.97 -27.05 -12.45
N LEU D 142 -15.61 -26.09 -13.11
CA LEU D 142 -15.78 -26.12 -14.56
C LEU D 142 -14.95 -24.99 -15.15
N VAL D 143 -14.01 -25.35 -16.02
CA VAL D 143 -13.23 -24.36 -16.76
C VAL D 143 -14.00 -24.03 -18.03
N HIS D 144 -14.17 -22.75 -18.33
CA HIS D 144 -14.95 -22.33 -19.49
C HIS D 144 -14.22 -22.69 -20.78
N ARG D 145 -13.00 -22.18 -20.95
CA ARG D 145 -12.07 -22.41 -22.04
C ARG D 145 -12.42 -21.60 -23.29
N ASP D 146 -13.59 -20.96 -23.35
CA ASP D 146 -13.98 -20.21 -24.55
C ASP D 146 -14.80 -18.98 -24.16
N LEU D 147 -14.41 -18.31 -23.09
CA LEU D 147 -15.10 -17.10 -22.68
C LEU D 147 -14.77 -15.97 -23.65
N ALA D 148 -15.82 -15.31 -24.13
CA ALA D 148 -15.71 -14.20 -25.07
C ALA D 148 -17.07 -13.53 -25.12
N ALA D 149 -17.07 -12.29 -25.64
CA ALA D 149 -18.34 -11.58 -25.77
C ALA D 149 -19.33 -12.33 -26.63
N ARG D 150 -18.82 -13.10 -27.61
CA ARG D 150 -19.70 -13.90 -28.45
C ARG D 150 -20.37 -15.02 -27.66
N ASN D 151 -19.73 -15.48 -26.57
CA ASN D 151 -20.29 -16.53 -25.73
C ASN D 151 -20.91 -15.98 -24.46
N VAL D 152 -21.35 -14.73 -24.49
CA VAL D 152 -22.19 -14.15 -23.45
C VAL D 152 -23.51 -13.80 -24.09
N LEU D 153 -24.59 -14.47 -23.67
CA LEU D 153 -25.90 -14.29 -24.27
C LEU D 153 -26.72 -13.30 -23.46
N VAL D 154 -27.52 -12.50 -24.17
CA VAL D 154 -28.35 -11.48 -23.56
C VAL D 154 -29.75 -12.06 -23.41
N LYS D 155 -30.18 -12.30 -22.18
CA LYS D 155 -31.57 -12.68 -21.93
C LYS D 155 -32.48 -11.47 -21.99
N THR D 156 -32.14 -10.43 -21.23
CA THR D 156 -32.67 -9.09 -21.35
C THR D 156 -31.49 -8.13 -21.29
N PRO D 157 -31.65 -6.89 -21.77
CA PRO D 157 -30.54 -5.94 -21.68
C PRO D 157 -29.97 -5.80 -20.28
N GLN D 158 -30.75 -6.08 -19.24
CA GLN D 158 -30.29 -6.00 -17.86
C GLN D 158 -29.79 -7.34 -17.33
N HIS D 159 -29.80 -8.40 -18.15
CA HIS D 159 -29.51 -9.75 -17.66
C HIS D 159 -28.82 -10.54 -18.75
N VAL D 160 -27.53 -10.82 -18.54
CA VAL D 160 -26.75 -11.64 -19.47
C VAL D 160 -26.37 -12.94 -18.79
N LYS D 161 -26.07 -13.96 -19.61
CA LYS D 161 -25.73 -15.28 -19.12
C LYS D 161 -24.62 -15.86 -19.99
N ILE D 162 -23.66 -16.53 -19.35
CA ILE D 162 -22.54 -17.12 -20.08
C ILE D 162 -22.94 -18.48 -20.62
N THR D 163 -22.39 -18.83 -21.78
CA THR D 163 -22.75 -20.05 -22.48
C THR D 163 -21.49 -20.66 -23.09
N ASP D 164 -21.67 -21.85 -23.68
CA ASP D 164 -20.62 -22.54 -24.45
C ASP D 164 -19.38 -22.76 -23.62
N PHE D 165 -19.57 -23.19 -22.38
CA PHE D 165 -18.48 -23.51 -21.48
C PHE D 165 -18.25 -25.02 -21.46
N GLY D 166 -17.06 -25.41 -21.02
CA GLY D 166 -16.74 -26.79 -20.77
C GLY D 166 -16.46 -27.67 -21.98
N LEU D 167 -16.09 -27.07 -23.11
CA LEU D 167 -15.89 -27.87 -24.34
C LEU D 167 -14.52 -27.58 -24.94
N ALA D 168 -13.64 -28.58 -24.96
CA ALA D 168 -12.36 -28.41 -25.63
C ALA D 168 -12.18 -29.57 -26.62
N PRO D 186 -9.68 -19.85 -30.52
CA PRO D 186 -9.74 -18.46 -30.05
C PRO D 186 -8.41 -18.00 -29.45
N ILE D 187 -7.38 -17.91 -30.29
CA ILE D 187 -6.03 -17.58 -29.80
C ILE D 187 -6.03 -16.22 -29.12
N LYS D 188 -6.75 -15.25 -29.67
CA LYS D 188 -6.70 -13.88 -29.17
C LYS D 188 -7.45 -13.69 -27.86
N TRP D 189 -8.15 -14.71 -27.37
CA TRP D 189 -8.77 -14.68 -26.05
C TRP D 189 -8.05 -15.55 -25.03
N MET D 190 -7.06 -16.34 -25.44
CA MET D 190 -6.43 -17.32 -24.58
C MET D 190 -5.28 -16.70 -23.80
N ALA D 191 -5.10 -17.16 -22.57
CA ALA D 191 -3.91 -16.81 -21.80
C ALA D 191 -2.67 -17.39 -22.48
N LEU D 192 -1.51 -16.81 -22.15
CA LEU D 192 -0.27 -17.24 -22.79
C LEU D 192 0.02 -18.71 -22.53
N GLU D 193 -0.21 -19.18 -21.29
CA GLU D 193 0.03 -20.57 -20.98
C GLU D 193 -0.94 -21.50 -21.71
N SER D 194 -2.09 -20.99 -22.12
CA SER D 194 -2.99 -21.79 -22.96
C SER D 194 -2.46 -21.87 -24.39
N ILE D 195 -1.91 -20.77 -24.90
CA ILE D 195 -1.34 -20.78 -26.24
C ILE D 195 -0.10 -21.67 -26.29
N LEU D 196 0.79 -21.52 -25.30
CA LEU D 196 2.07 -22.22 -25.35
C LEU D 196 1.95 -23.67 -24.92
N HIS D 197 1.13 -23.97 -23.90
CA HIS D 197 1.11 -25.30 -23.32
C HIS D 197 -0.29 -25.87 -23.18
N ARG D 198 -1.30 -25.32 -23.87
CA ARG D 198 -2.67 -25.80 -23.76
C ARG D 198 -3.09 -26.07 -22.32
N ILE D 199 -2.68 -25.19 -21.43
CA ILE D 199 -3.01 -25.28 -20.00
C ILE D 199 -4.23 -24.40 -19.76
N TYR D 200 -5.34 -25.03 -19.38
CA TYR D 200 -6.59 -24.33 -19.11
C TYR D 200 -6.94 -24.50 -17.64
N THR D 201 -6.98 -23.38 -16.92
CA THR D 201 -7.40 -23.33 -15.53
C THR D 201 -8.41 -22.21 -15.38
N HIS D 202 -8.94 -22.05 -14.16
CA HIS D 202 -9.82 -20.93 -13.90
C HIS D 202 -9.07 -19.60 -14.00
N GLN D 203 -7.75 -19.61 -13.79
CA GLN D 203 -6.97 -18.39 -13.93
C GLN D 203 -6.72 -18.02 -15.38
N SER D 204 -6.67 -19.00 -16.28
CA SER D 204 -6.63 -18.66 -17.71
C SER D 204 -7.98 -18.16 -18.18
N ASP D 205 -9.07 -18.60 -17.56
CA ASP D 205 -10.38 -18.02 -17.85
C ASP D 205 -10.42 -16.55 -17.44
N VAL D 206 -9.70 -16.18 -16.38
CA VAL D 206 -9.64 -14.78 -15.97
C VAL D 206 -9.03 -13.93 -17.08
N TRP D 207 -7.99 -14.45 -17.75
CA TRP D 207 -7.42 -13.76 -18.89
C TRP D 207 -8.48 -13.52 -19.96
N SER D 208 -9.22 -14.57 -20.33
CA SER D 208 -10.27 -14.43 -21.32
C SER D 208 -11.33 -13.43 -20.86
N TYR D 209 -11.64 -13.43 -19.56
CA TYR D 209 -12.56 -12.43 -19.03
C TYR D 209 -12.05 -11.03 -19.28
N GLY D 210 -10.75 -10.81 -19.09
CA GLY D 210 -10.18 -9.50 -19.37
C GLY D 210 -10.39 -9.08 -20.82
N VAL D 211 -10.19 -10.02 -21.75
CA VAL D 211 -10.40 -9.71 -23.16
C VAL D 211 -11.89 -9.45 -23.42
N THR D 212 -12.77 -10.21 -22.77
CA THR D 212 -14.20 -10.01 -22.93
C THR D 212 -14.61 -8.62 -22.46
N VAL D 213 -14.07 -8.19 -21.32
CA VAL D 213 -14.34 -6.84 -20.82
C VAL D 213 -13.82 -5.81 -21.81
N TRP D 214 -12.65 -6.08 -22.39
CA TRP D 214 -12.10 -5.17 -23.41
C TRP D 214 -13.03 -5.05 -24.61
N GLU D 215 -13.66 -6.17 -25.01
CA GLU D 215 -14.63 -6.11 -26.11
C GLU D 215 -15.80 -5.21 -25.78
N LEU D 216 -16.31 -5.29 -24.55
CA LEU D 216 -17.49 -4.49 -24.18
C LEU D 216 -17.15 -3.01 -24.14
N MET D 217 -15.99 -2.65 -23.61
CA MET D 217 -15.57 -1.27 -23.48
CA MET D 217 -15.62 -1.26 -23.49
C MET D 217 -15.10 -0.66 -24.79
N THR D 218 -14.86 -1.48 -25.82
CA THR D 218 -14.59 -1.00 -27.16
C THR D 218 -15.81 -1.15 -28.05
N PHE D 219 -16.96 -1.52 -27.47
CA PHE D 219 -18.22 -1.69 -28.20
C PHE D 219 -18.07 -2.69 -29.35
N GLY D 220 -17.36 -3.79 -29.09
CA GLY D 220 -17.28 -4.88 -30.03
C GLY D 220 -16.10 -4.85 -30.98
N SER D 221 -15.01 -4.18 -30.62
CA SER D 221 -13.84 -4.17 -31.49
C SER D 221 -13.14 -5.53 -31.46
N LYS D 222 -12.51 -5.86 -32.58
CA LYS D 222 -11.79 -7.12 -32.69
C LYS D 222 -10.44 -7.00 -32.00
N PRO D 223 -10.12 -7.86 -31.02
CA PRO D 223 -8.85 -7.73 -30.33
C PRO D 223 -7.68 -8.10 -31.24
N TYR D 224 -6.59 -7.34 -31.12
CA TYR D 224 -5.41 -7.50 -31.97
C TYR D 224 -5.81 -7.48 -33.45
N ASP D 225 -6.60 -6.47 -33.82
CA ASP D 225 -7.11 -6.39 -35.19
C ASP D 225 -5.97 -6.24 -36.18
N GLY D 226 -5.97 -7.09 -37.22
CA GLY D 226 -4.96 -7.08 -38.24
C GLY D 226 -3.75 -7.93 -37.94
N ILE D 227 -3.55 -8.35 -36.70
CA ILE D 227 -2.39 -9.14 -36.33
C ILE D 227 -2.66 -10.63 -36.52
N PRO D 228 -1.79 -11.34 -37.22
CA PRO D 228 -2.01 -12.78 -37.42
C PRO D 228 -1.95 -13.54 -36.10
N ALA D 229 -2.86 -14.51 -35.97
CA ALA D 229 -2.93 -15.31 -34.76
C ALA D 229 -1.61 -16.01 -34.47
N SER D 230 -0.85 -16.35 -35.51
CA SER D 230 0.43 -17.03 -35.33
C SER D 230 1.47 -16.16 -34.61
N GLU D 231 1.22 -14.86 -34.49
CA GLU D 231 2.17 -13.96 -33.85
C GLU D 231 1.74 -13.50 -32.47
N ILE D 232 0.53 -13.87 -32.02
CA ILE D 232 0.02 -13.35 -30.75
C ILE D 232 0.90 -13.77 -29.59
N SER D 233 1.29 -15.04 -29.55
CA SER D 233 2.15 -15.52 -28.47
C SER D 233 3.46 -14.75 -28.41
N SER D 234 4.01 -14.38 -29.57
CA SER D 234 5.25 -13.62 -29.60
C SER D 234 5.06 -12.24 -28.98
N ILE D 235 3.98 -11.53 -29.34
CA ILE D 235 3.78 -10.18 -28.85
C ILE D 235 3.46 -10.16 -27.36
N LEU D 236 2.78 -11.20 -26.85
CA LEU D 236 2.48 -11.23 -25.43
C LEU D 236 3.73 -11.45 -24.60
N GLU D 237 4.59 -12.39 -25.04
CA GLU D 237 5.86 -12.62 -24.38
C GLU D 237 6.68 -11.34 -24.29
N LYS D 238 6.61 -10.52 -25.34
CA LYS D 238 7.36 -9.28 -25.47
C LYS D 238 6.77 -8.15 -24.64
N GLY D 239 5.60 -8.36 -24.04
CA GLY D 239 5.05 -7.41 -23.10
C GLY D 239 3.89 -6.57 -23.60
N GLU D 240 3.42 -6.80 -24.82
CA GLU D 240 2.36 -5.97 -25.35
C GLU D 240 1.00 -6.56 -25.00
N ARG D 241 0.05 -5.67 -24.75
CA ARG D 241 -1.29 -6.02 -24.32
C ARG D 241 -2.29 -5.24 -25.16
N LEU D 242 -3.56 -5.55 -24.97
CA LEU D 242 -4.60 -4.76 -25.62
C LEU D 242 -4.56 -3.33 -25.10
N PRO D 243 -4.77 -2.33 -25.96
CA PRO D 243 -4.63 -0.94 -25.52
C PRO D 243 -5.81 -0.50 -24.67
N GLN D 244 -5.61 0.62 -23.98
CA GLN D 244 -6.64 1.16 -23.11
C GLN D 244 -7.82 1.65 -23.94
N PRO D 245 -9.04 1.14 -23.71
CA PRO D 245 -10.19 1.64 -24.45
C PRO D 245 -10.43 3.10 -24.13
N PRO D 246 -10.89 3.89 -25.11
CA PRO D 246 -11.06 5.33 -24.88
C PRO D 246 -12.02 5.67 -23.75
N ILE D 247 -13.07 4.86 -23.55
CA ILE D 247 -14.03 5.14 -22.48
C ILE D 247 -13.56 4.68 -21.11
N CYS D 248 -12.43 4.00 -21.02
CA CYS D 248 -11.97 3.42 -19.77
C CYS D 248 -11.09 4.41 -19.00
N THR D 249 -11.37 4.54 -17.71
CA THR D 249 -10.45 5.22 -16.82
C THR D 249 -9.29 4.28 -16.51
N ILE D 250 -8.22 4.83 -15.91
CA ILE D 250 -7.08 3.99 -15.57
C ILE D 250 -7.48 2.90 -14.59
N ASP D 251 -8.47 3.17 -13.73
CA ASP D 251 -8.92 2.17 -12.76
C ASP D 251 -9.43 0.91 -13.47
N VAL D 252 -10.18 1.08 -14.55
CA VAL D 252 -10.73 -0.08 -15.25
C VAL D 252 -9.64 -0.79 -16.06
N TYR D 253 -8.77 -0.03 -16.73
CA TYR D 253 -7.75 -0.63 -17.58
C TYR D 253 -6.76 -1.45 -16.77
N MET D 254 -6.40 -0.99 -15.57
CA MET D 254 -5.44 -1.73 -14.78
C MET D 254 -6.02 -3.05 -14.26
N ILE D 255 -7.34 -3.13 -14.10
CA ILE D 255 -7.98 -4.42 -13.82
C ILE D 255 -7.78 -5.37 -15.00
N MET D 256 -8.05 -4.88 -16.21
CA MET D 256 -7.82 -5.69 -17.40
C MET D 256 -6.36 -6.09 -17.53
N ARG D 257 -5.45 -5.17 -17.21
CA ARG D 257 -4.02 -5.49 -17.27
C ARG D 257 -3.64 -6.53 -16.22
N LYS D 258 -4.31 -6.53 -15.07
CA LYS D 258 -4.03 -7.56 -14.06
C LYS D 258 -4.52 -8.92 -14.51
N CYS D 259 -5.59 -8.95 -15.31
CA CYS D 259 -6.05 -10.22 -15.89
C CYS D 259 -5.05 -10.79 -16.88
N TRP D 260 -4.13 -9.97 -17.39
CA TRP D 260 -3.20 -10.38 -18.44
C TRP D 260 -1.77 -10.48 -17.95
N MET D 261 -1.56 -10.71 -16.66
CA MET D 261 -0.22 -10.93 -16.14
C MET D 261 0.24 -12.36 -16.47
N ILE D 262 1.54 -12.50 -16.76
CA ILE D 262 2.06 -13.79 -17.19
C ILE D 262 1.92 -14.82 -16.07
N ASP D 263 2.21 -14.43 -14.84
CA ASP D 263 2.00 -15.32 -13.70
C ASP D 263 0.50 -15.45 -13.45
N ALA D 264 -0.03 -16.65 -13.70
CA ALA D 264 -1.48 -16.86 -13.60
C ALA D 264 -1.99 -16.58 -12.19
N ASP D 265 -1.19 -16.94 -11.17
CA ASP D 265 -1.63 -16.74 -9.80
C ASP D 265 -1.60 -15.28 -9.37
N SER D 266 -1.03 -14.39 -10.19
CA SER D 266 -1.09 -12.97 -9.92
C SER D 266 -2.34 -12.31 -10.47
N ARG D 267 -3.03 -12.97 -11.40
CA ARG D 267 -4.26 -12.44 -11.94
C ARG D 267 -5.35 -12.44 -10.87
N PRO D 268 -6.30 -11.52 -10.93
CA PRO D 268 -7.37 -11.49 -9.93
C PRO D 268 -8.26 -12.72 -10.00
N LYS D 269 -8.92 -13.00 -8.89
CA LYS D 269 -9.91 -14.06 -8.82
C LYS D 269 -11.28 -13.50 -9.21
N PHE D 270 -12.14 -14.39 -9.71
CA PHE D 270 -13.47 -13.95 -10.14
C PHE D 270 -14.26 -13.35 -8.99
N ARG D 271 -14.09 -13.90 -7.78
CA ARG D 271 -14.77 -13.33 -6.62
C ARG D 271 -14.29 -11.92 -6.34
N GLU D 272 -12.99 -11.65 -6.55
CA GLU D 272 -12.50 -10.29 -6.41
C GLU D 272 -13.01 -9.39 -7.52
N LEU D 273 -13.17 -9.94 -8.73
CA LEU D 273 -13.69 -9.14 -9.84
C LEU D 273 -15.15 -8.75 -9.59
N ILE D 274 -15.93 -9.64 -8.98
CA ILE D 274 -17.30 -9.31 -8.63
C ILE D 274 -17.34 -8.11 -7.69
N ILE D 275 -16.53 -8.16 -6.62
CA ILE D 275 -16.51 -7.08 -5.64
C ILE D 275 -16.06 -5.77 -6.29
N GLU D 276 -14.96 -5.83 -7.07
CA GLU D 276 -14.39 -4.60 -7.62
C GLU D 276 -15.32 -3.97 -8.65
N PHE D 277 -15.88 -4.77 -9.56
CA PHE D 277 -16.80 -4.22 -10.55
C PHE D 277 -18.12 -3.78 -9.93
N SER D 278 -18.53 -4.43 -8.83
CA SER D 278 -19.72 -3.96 -8.13
C SER D 278 -19.49 -2.59 -7.51
N LYS D 279 -18.28 -2.36 -6.98
CA LYS D 279 -17.94 -1.04 -6.45
C LYS D 279 -18.04 0.02 -7.54
N MET D 280 -17.50 -0.28 -8.73
CA MET D 280 -17.53 0.69 -9.81
C MET D 280 -18.94 0.90 -10.34
N ALA D 281 -19.79 -0.13 -10.28
CA ALA D 281 -21.18 0.01 -10.72
C ALA D 281 -21.96 0.95 -9.82
N ARG D 282 -21.49 1.21 -8.60
CA ARG D 282 -22.15 2.16 -7.71
C ARG D 282 -21.80 3.60 -8.01
N ASP D 283 -20.84 3.85 -8.91
CA ASP D 283 -20.53 5.20 -9.37
C ASP D 283 -19.99 5.11 -10.79
N PRO D 284 -20.85 4.80 -11.76
CA PRO D 284 -20.35 4.38 -13.08
C PRO D 284 -19.63 5.49 -13.83
N GLN D 285 -20.10 6.73 -13.75
CA GLN D 285 -19.48 7.81 -14.50
C GLN D 285 -18.11 8.19 -13.94
N ARG D 286 -17.75 7.68 -12.77
CA ARG D 286 -16.41 7.85 -12.24
C ARG D 286 -15.40 6.97 -12.95
N TYR D 287 -15.82 5.79 -13.42
CA TYR D 287 -14.93 4.82 -14.01
C TYR D 287 -15.04 4.66 -15.52
N LEU D 288 -16.14 5.10 -16.13
CA LEU D 288 -16.28 5.07 -17.58
C LEU D 288 -16.65 6.45 -18.11
N VAL D 289 -15.99 6.86 -19.19
CA VAL D 289 -16.16 8.18 -19.79
C VAL D 289 -16.82 7.97 -21.16
N ILE D 290 -18.15 8.12 -21.20
CA ILE D 290 -18.95 7.82 -22.38
C ILE D 290 -19.70 9.06 -22.83
N GLN D 291 -19.76 9.25 -24.15
CA GLN D 291 -20.49 10.39 -24.72
C GLN D 291 -21.97 10.28 -24.41
N GLY D 292 -22.53 11.31 -23.79
CA GLY D 292 -23.96 11.30 -23.53
C GLY D 292 -24.37 10.46 -22.35
N ASP D 293 -23.43 10.09 -21.47
CA ASP D 293 -23.73 9.13 -20.42
C ASP D 293 -24.85 9.58 -19.51
N GLU D 294 -24.97 10.89 -19.25
CA GLU D 294 -26.00 11.35 -18.33
C GLU D 294 -27.40 11.20 -18.90
N ARG D 295 -27.53 11.13 -20.23
CA ARG D 295 -28.82 10.93 -20.88
C ARG D 295 -29.02 9.51 -21.39
N MET D 296 -28.12 8.58 -21.07
CA MET D 296 -28.40 7.22 -21.50
C MET D 296 -29.47 6.61 -20.61
N HIS D 297 -30.13 5.57 -21.12
CA HIS D 297 -31.23 4.96 -20.39
C HIS D 297 -30.70 4.11 -19.25
N LEU D 298 -31.17 4.39 -18.06
CA LEU D 298 -30.89 3.64 -16.84
C LEU D 298 -31.93 2.55 -16.66
N PRO D 299 -31.59 1.46 -15.95
CA PRO D 299 -32.60 0.43 -15.65
C PRO D 299 -33.69 0.93 -14.71
N SER D 300 -34.90 1.13 -15.22
CA SER D 300 -35.96 1.60 -14.32
C SER D 300 -36.59 0.44 -13.54
N PRO D 301 -37.05 0.68 -12.31
CA PRO D 301 -37.79 -0.36 -11.59
C PRO D 301 -39.03 -0.81 -12.35
N THR D 302 -39.75 0.12 -12.96
CA THR D 302 -40.91 -0.22 -13.77
C THR D 302 -40.51 -1.02 -15.00
N ASP D 303 -39.38 -0.66 -15.62
CA ASP D 303 -38.93 -1.37 -16.81
C ASP D 303 -38.46 -2.77 -16.46
N SER D 304 -37.77 -2.93 -15.32
CA SER D 304 -37.23 -4.23 -14.95
C SER D 304 -38.32 -5.22 -14.57
N ASN D 305 -39.36 -4.75 -13.87
CA ASN D 305 -40.45 -5.64 -13.51
C ASN D 305 -41.22 -6.10 -14.75
N PHE D 306 -41.36 -5.21 -15.73
CA PHE D 306 -42.03 -5.58 -16.97
C PHE D 306 -41.21 -6.59 -17.76
N TYR D 307 -39.90 -6.36 -17.87
CA TYR D 307 -39.02 -7.33 -18.54
C TYR D 307 -39.06 -8.69 -17.86
N ARG D 308 -39.06 -8.71 -16.52
CA ARG D 308 -39.02 -9.97 -15.78
C ARG D 308 -40.27 -10.80 -16.04
N ALA D 309 -41.44 -10.18 -15.90
CA ALA D 309 -42.69 -10.94 -15.99
C ALA D 309 -42.91 -11.52 -17.38
N LEU D 310 -42.36 -10.87 -18.41
CA LEU D 310 -42.56 -11.33 -19.78
C LEU D 310 -41.48 -12.29 -20.25
N MET D 311 -40.23 -12.05 -19.88
CA MET D 311 -39.10 -12.80 -20.44
C MET D 311 -38.19 -13.46 -19.42
N ASP D 312 -38.23 -13.05 -18.14
CA ASP D 312 -37.14 -13.39 -17.23
C ASP D 312 -37.71 -13.58 -15.82
N GLU D 313 -38.35 -14.73 -15.61
CA GLU D 313 -39.01 -15.04 -14.35
C GLU D 313 -38.14 -15.80 -13.36
N GLU D 314 -36.87 -16.02 -13.67
CA GLU D 314 -36.03 -16.84 -12.80
C GLU D 314 -35.60 -16.07 -11.55
N ASP D 315 -35.08 -16.83 -10.58
CA ASP D 315 -34.84 -16.35 -9.21
C ASP D 315 -34.11 -15.01 -9.12
N MET D 316 -32.89 -14.94 -9.63
CA MET D 316 -32.03 -13.78 -9.39
C MET D 316 -31.90 -13.53 -7.88
MG MG E . 20.03 20.25 17.05
PG ANP F . 16.15 21.31 17.28
O1G ANP F . 15.41 22.62 17.31
O2G ANP F . 17.57 21.60 17.64
O3G ANP F . 15.55 20.38 18.29
PB ANP F . 17.22 19.81 15.10
O1B ANP F . 18.39 19.60 16.02
O2B ANP F . 16.71 18.62 14.34
N3B ANP F . 16.04 20.65 15.81
PA ANP F . 19.00 21.79 13.93
O1A ANP F . 18.65 22.97 13.09
O2A ANP F . 19.47 22.02 15.32
O3A ANP F . 17.75 20.81 13.98
O5' ANP F . 20.06 20.88 13.16
C5' ANP F . 19.81 20.55 11.78
C4' ANP F . 20.68 19.39 11.38
O4' ANP F . 22.08 19.79 11.46
C3' ANP F . 20.57 18.13 12.24
O3' ANP F . 20.64 16.96 11.44
C2' ANP F . 21.78 18.24 13.17
O2' ANP F . 22.22 16.99 13.63
C1' ANP F . 22.80 18.89 12.24
N9 ANP F . 23.83 19.63 12.96
C8 ANP F . 23.66 20.68 13.81
N7 ANP F . 24.80 21.13 14.30
C5 ANP F . 25.76 20.31 13.73
C6 ANP F . 27.16 20.28 13.84
N6 ANP F . 27.87 21.12 14.60
N1 ANP F . 27.82 19.34 13.13
C2 ANP F . 27.11 18.50 12.37
N3 ANP F . 25.80 18.44 12.18
C4 ANP F . 25.17 19.39 12.90
C11 YW5 G . 19.26 33.18 19.07
C15 YW5 G . 20.30 30.75 18.77
C01 YW5 G . 12.76 38.79 19.22
C03 YW5 G . 13.34 36.48 19.16
C04 YW5 G . 14.42 35.53 18.71
C05 YW5 G . 15.88 36.13 18.57
C06 YW5 G . 16.13 37.33 19.52
C07 YW5 G . 14.96 38.18 19.90
C08 YW5 G . 17.05 35.08 18.77
C09 YW5 G . 17.77 34.95 19.97
C10 YW5 G . 18.82 34.02 20.13
C12 YW5 G . 18.53 33.33 17.86
C13 YW5 G . 17.47 34.25 17.71
C14 YW5 G . 20.43 32.10 19.20
C16 YW5 G . 21.32 29.76 18.88
C17 YW5 G . 22.53 30.09 19.47
C18 YW5 G . 23.45 28.81 19.46
C20 YW5 G . 23.25 26.30 18.67
C21 YW5 G . 24.01 26.12 17.27
C23 YW5 G . 25.36 26.41 15.47
C24 YW5 G . 24.68 25.19 15.25
C26 YW5 G . 24.93 24.43 14.06
C27 YW5 G . 25.83 24.90 13.13
C28 YW5 G . 26.53 26.15 13.35
C29 YW5 G . 26.30 26.89 14.49
C30 YW5 G . 24.24 25.88 19.89
C31 YW5 G . 25.55 25.46 19.62
C32 YW5 G . 26.42 25.09 20.67
C34 YW5 G . 26.01 25.13 22.01
C35 YW5 G . 24.70 25.55 22.29
C36 YW5 G . 23.81 25.92 21.25
C37 YW5 G . 21.39 28.24 18.48
C39 YW5 G . 22.72 31.43 19.94
C40 YW5 G . 21.70 32.41 19.81
F33 YW5 G . 27.65 24.71 20.37
N02 YW5 G . 13.87 37.87 18.88
N19 YW5 G . 22.65 27.69 18.83
N22 YW5 G . 24.91 26.95 16.75
N25 YW5 G . 23.84 25.01 16.39
O38 YW5 G . 20.53 27.59 17.93
MG MG H . 7.65 22.38 -15.69
PG ANP I . 4.16 23.61 -15.43
O1G ANP I . 3.66 25.02 -15.30
O2G ANP I . 5.64 23.62 -15.24
O3G ANP I . 3.53 22.77 -14.37
PB ANP I . 4.73 21.97 -17.70
O1B ANP I . 5.85 21.42 -16.85
O2B ANP I . 3.94 21.02 -18.55
N3B ANP I . 3.78 22.99 -16.87
PA ANP I . 6.70 23.94 -18.60
O1A ANP I . 6.22 25.35 -18.66
O2A ANP I . 7.49 23.52 -17.42
O3A ANP I . 5.44 22.96 -18.74
O5' ANP I . 7.51 23.58 -19.92
C5' ANP I . 6.82 22.94 -21.02
C4' ANP I . 7.73 21.91 -21.64
O4' ANP I . 9.10 22.35 -21.55
C3' ANP I . 7.68 20.52 -21.00
O3' ANP I . 7.60 19.51 -22.01
C2' ANP I . 8.99 20.43 -20.24
O2' ANP I . 9.48 19.12 -20.14
C1' ANP I . 9.91 21.29 -21.11
N9 ANP I . 11.03 21.85 -20.38
C8 ANP I . 11.00 22.80 -19.40
N7 ANP I . 12.19 23.10 -18.94
C5 ANP I . 13.05 22.29 -19.67
C6 ANP I . 14.46 22.13 -19.66
N6 ANP I . 15.26 22.81 -18.85
N1 ANP I . 14.99 21.24 -20.53
C2 ANP I . 14.16 20.56 -21.33
N3 ANP I . 12.84 20.62 -21.43
C4 ANP I . 12.34 21.51 -20.56
C11 YW5 J . 8.12 34.86 -12.04
C15 YW5 J . 8.93 32.41 -12.77
C01 YW5 J . 2.33 41.04 -10.36
C03 YW5 J . 2.98 39.44 -12.04
C04 YW5 J . 4.15 38.60 -12.45
C05 YW5 J . 5.18 38.22 -11.30
C06 YW5 J . 4.51 38.10 -9.90
C07 YW5 J . 3.34 38.97 -9.64
C08 YW5 J . 6.19 37.01 -11.57
C09 YW5 J . 6.30 36.36 -12.83
C10 YW5 J . 7.23 35.32 -13.05
C12 YW5 J . 8.00 35.53 -10.81
C13 YW5 J . 7.08 36.57 -10.58
C14 YW5 J . 9.19 33.69 -12.22
C16 YW5 J . 9.91 31.39 -12.92
C17 YW5 J . 11.21 31.60 -12.49
C18 YW5 J . 12.06 30.31 -12.76
C20 YW5 J . 11.60 27.90 -13.77
C21 YW5 J . 12.25 27.82 -15.25
C23 YW5 J . 13.52 28.23 -17.09
C24 YW5 J . 12.71 27.13 -17.42
C26 YW5 J . 12.81 26.52 -18.72
C27 YW5 J . 13.70 27.02 -19.64
C28 YW5 J . 14.53 28.15 -19.31
C29 YW5 J . 14.45 28.75 -18.07
C30 YW5 J . 12.64 27.27 -12.68
C31 YW5 J . 13.88 26.77 -13.10
C32 YW5 J . 14.80 26.23 -12.18
C34 YW5 J . 14.50 26.18 -10.81
C35 YW5 J . 13.26 26.69 -10.38
C36 YW5 J . 12.33 27.22 -11.30
C37 YW5 J . 9.85 29.93 -13.48
C39 YW5 J . 11.54 32.87 -11.93
C40 YW5 J . 10.56 33.88 -11.80
F33 YW5 J . 15.96 25.76 -12.61
N02 YW5 J . 3.38 40.05 -10.70
N19 YW5 J . 11.12 29.29 -13.40
N22 YW5 J . 13.20 28.64 -15.73
N25 YW5 J . 11.91 26.87 -16.25
O38 YW5 J . 8.87 29.37 -13.94
MG MG K . -12.71 -21.90 5.02
PG ANP L . -9.74 -22.93 3.11
O1G ANP L . -8.83 -24.07 2.77
O2G ANP L . -10.80 -23.44 4.03
O3G ANP L . -8.91 -21.87 3.79
PB ANP L . -11.63 -21.24 1.83
O1B ANP L . -12.09 -21.00 3.24
O2B ANP L . -11.42 -20.06 0.93
N3B ANP L . -10.40 -22.30 1.77
PA ANP L . -13.91 -23.05 1.83
O1A ANP L . -14.09 -24.23 0.94
O2A ANP L . -13.54 -23.28 3.26
O3A ANP L . -12.82 -22.08 1.18
O5' ANP L . -15.21 -22.13 1.77
C5' ANP L . -15.76 -21.81 0.48
C4' ANP L . -16.83 -20.76 0.64
O4' ANP L . -17.84 -21.25 1.57
C3' ANP L . -16.37 -19.41 1.19
O3' ANP L . -17.05 -18.34 0.55
C2' ANP L . -16.77 -19.49 2.67
O2' ANP L . -16.99 -18.22 3.23
C1' ANP L . -18.06 -20.29 2.58
N9 ANP L . -18.39 -21.00 3.80
C8 ANP L . -17.63 -21.91 4.47
N7 ANP L . -18.22 -22.36 5.55
C5 ANP L . -19.44 -21.70 5.59
C6 ANP L . -20.53 -21.74 6.49
N6 ANP L . -20.56 -22.51 7.57
N1 ANP L . -21.59 -20.94 6.22
C2 ANP L . -21.54 -20.18 5.13
N3 ANP L . -20.59 -20.06 4.21
C4 ANP L . -19.55 -20.86 4.51
C11 YW5 M . -11.38 -34.76 6.19
C15 YW5 M . -12.35 -32.30 6.59
C01 YW5 M . -6.48 -39.55 1.07
C03 YW5 M . -8.71 -39.12 1.83
C04 YW5 M . -9.49 -38.65 3.03
C05 YW5 M . -8.73 -37.74 4.07
C06 YW5 M . -7.58 -36.93 3.41
C07 YW5 M . -6.90 -37.50 2.22
C08 YW5 M . -9.65 -36.70 4.81
C09 YW5 M . -9.60 -36.49 6.21
C10 YW5 M . -10.42 -35.55 6.87
C12 YW5 M . -11.42 -34.96 4.79
C13 YW5 M . -10.59 -35.90 4.12
C14 YW5 M . -12.30 -33.68 6.94
C16 YW5 M . -13.15 -31.34 7.27
C17 YW5 M . -13.96 -31.71 8.34
C18 YW5 M . -14.72 -30.43 8.86
C20 YW5 M . -14.80 -27.87 8.21
C21 YW5 M . -16.22 -27.61 7.47
C23 YW5 M . -18.37 -27.86 6.75
C24 YW5 M . -17.92 -26.65 6.17
C26 YW5 M . -18.79 -25.89 5.33
C27 YW5 M . -20.07 -26.34 5.09
C28 YW5 M . -20.54 -27.57 5.67
C29 YW5 M . -19.71 -28.32 6.48
C30 YW5 M . -14.91 -27.44 9.77
C31 YW5 M . -16.12 -26.93 10.29
C32 YW5 M . -16.23 -26.56 11.64
C34 YW5 M . -15.14 -26.70 12.52
C35 YW5 M . -13.93 -27.21 12.01
C36 YW5 M . -13.81 -27.58 10.66
C37 YW5 M . -13.36 -29.82 7.05
C39 YW5 M . -13.95 -33.08 8.73
C40 YW5 M . -13.14 -34.03 8.06
F33 YW5 M . -17.38 -26.09 12.10
N02 YW5 M . -7.25 -38.98 2.20
N19 YW5 M . -14.28 -29.28 7.99
N22 YW5 M . -17.29 -28.42 7.55
N25 YW5 M . -16.56 -26.49 6.63
O38 YW5 M . -12.83 -29.13 6.21
MG MG N . -21.18 -19.29 -28.66
PG ANP O . -18.08 -20.45 -30.41
O1G ANP O . -17.55 -21.79 -30.78
O2G ANP O . -19.21 -20.66 -29.44
O3G ANP O . -17.02 -19.65 -29.74
PB ANP O . -19.69 -18.47 -31.74
O1B ANP O . -20.11 -18.10 -30.35
O2B ANP O . -19.36 -17.38 -32.70
N3B ANP O . -18.58 -19.66 -31.73
PA ANP O . -21.94 -20.31 -31.81
O1A ANP O . -21.71 -21.56 -32.58
O2A ANP O . -21.77 -20.36 -30.33
O3A ANP O . -20.97 -19.18 -32.37
O5' ANP O . -23.37 -19.72 -32.16
C5' ANP O . -23.55 -19.07 -33.43
C4' ANP O . -24.58 -17.98 -33.29
O4' ANP O . -25.72 -18.50 -32.56
C3' ANP O . -24.14 -16.72 -32.55
O3' ANP O . -24.60 -15.54 -33.20
C2' ANP O . -24.79 -16.87 -31.17
O2' ANP O . -25.07 -15.63 -30.57
C1' ANP O . -26.07 -17.60 -31.53
N9 ANP O . -26.61 -18.37 -30.42
C8 ANP O . -26.05 -19.46 -29.81
N7 ANP O . -26.79 -19.93 -28.85
C5 ANP O . -27.91 -19.11 -28.82
C6 ANP O . -29.05 -19.09 -28.01
N6 ANP O . -29.29 -19.95 -27.03
N1 ANP O . -29.97 -18.11 -28.26
C2 ANP O . -29.73 -17.25 -29.25
N3 ANP O . -28.68 -17.17 -30.07
C4 ANP O . -27.80 -18.14 -29.79
C11 YW5 P . -19.89 -32.23 -28.21
C15 YW5 P . -20.95 -29.85 -27.68
C01 YW5 P . -13.77 -37.58 -29.78
C03 YW5 P . -14.44 -35.31 -29.96
C04 YW5 P . -15.59 -34.41 -30.31
C05 YW5 P . -17.03 -35.03 -30.25
C06 YW5 P . -17.14 -36.23 -29.29
C07 YW5 P . -15.93 -37.05 -29.02
C08 YW5 P . -18.01 -34.02 -29.61
C09 YW5 P . -18.20 -34.04 -28.21
C10 YW5 P . -19.08 -33.17 -27.54
C12 YW5 P . -19.71 -32.22 -29.62
C13 YW5 P . -18.82 -33.09 -30.32
C14 YW5 P . -20.86 -31.24 -27.41
C16 YW5 P . -21.78 -28.94 -26.98
C17 YW5 P . -22.57 -29.40 -25.93
C18 YW5 P . -23.39 -28.15 -25.35
C20 YW5 P . -23.53 -25.53 -25.88
C21 YW5 P . -24.88 -25.25 -26.71
C23 YW5 P . -26.95 -25.44 -27.61
C24 YW5 P . -26.43 -24.23 -28.10
C26 YW5 P . -27.21 -23.41 -28.99
C27 YW5 P . -28.48 -23.83 -29.35
C28 YW5 P . -29.02 -25.06 -28.85
C29 YW5 P . -28.27 -25.86 -28.01
C30 YW5 P . -23.79 -25.21 -24.33
C31 YW5 P . -25.05 -24.75 -23.91
C32 YW5 P . -25.32 -24.46 -22.56
C34 YW5 P . -24.34 -24.62 -21.58
C35 YW5 P . -23.06 -25.07 -21.97
C36 YW5 P . -22.78 -25.36 -23.33
C37 YW5 P . -22.03 -27.40 -27.12
C39 YW5 P . -22.53 -30.79 -25.59
C40 YW5 P . -21.69 -31.68 -26.31
F33 YW5 P . -26.53 -24.04 -22.21
N02 YW5 P . -14.94 -36.74 -30.12
N19 YW5 P . -22.95 -26.93 -26.16
N22 YW5 P . -25.94 -26.06 -26.75
N25 YW5 P . -25.12 -24.11 -27.53
O38 YW5 P . -21.50 -26.65 -27.93
#